data_7P1Y
#
_entry.id   7P1Y
#
_cell.length_a   61.286
_cell.length_b   69.189
_cell.length_c   132.070
_cell.angle_alpha   90.000
_cell.angle_beta   93.015
_cell.angle_gamma   90.000
#
_symmetry.space_group_name_H-M   'P 1 21 1'
#
loop_
_entity.id
_entity.type
_entity.pdbx_description
1 polymer 'HD domain-containing protein'
2 non-polymer 'MANGANESE (II) ION'
3 non-polymer 'CHLORIDE ION'
4 water water
#
_entity_poly.entity_id   1
_entity_poly.type   'polypeptide(L)'
_entity_poly.pdbx_seq_one_letter_code
;MGSSHHHHHHSSENLYFQGGLVPRGSHMLSFDSNKEFALTRDLGVLKGIYLAPYMQVATALIGKARHAGGNMFRHQVDTM
AILIDYGYIDSVLLKASLIHDVIENIEDFNVNEILSIDSESGQVYELVLEVTKKKGQEKTEYLKNIIKNGSEKAKILKCA
DRISNMISLGFVTDSEFIERYCNETELYIFPIALEVNFEMYKELMALVVSRRQYLVECGYLEERVKKMRKAR
;
_entity_poly.pdbx_strand_id   BBB,DDD,CCC,AAA
#
loop_
_chem_comp.id
_chem_comp.type
_chem_comp.name
_chem_comp.formula
CL non-polymer 'CHLORIDE ION' 'Cl -1'
MN non-polymer 'MANGANESE (II) ION' 'Mn 2'
#
# COMPACT_ATOMS: atom_id res chain seq x y z
N GLY A 44 -7.40 -11.35 -3.77
CA GLY A 44 -8.40 -10.24 -3.99
C GLY A 44 -9.37 -10.09 -2.81
N VAL A 45 -9.92 -11.19 -2.31
CA VAL A 45 -10.77 -11.26 -1.07
C VAL A 45 -9.87 -11.09 0.18
N LEU A 46 -8.56 -11.02 -0.06
CA LEU A 46 -7.50 -11.02 0.98
C LEU A 46 -7.65 -9.81 1.90
N LYS A 47 -7.94 -8.62 1.34
CA LYS A 47 -8.15 -7.34 2.07
C LYS A 47 -9.11 -7.54 3.26
N GLY A 48 -10.15 -8.37 3.08
CA GLY A 48 -11.25 -8.52 4.06
C GLY A 48 -11.01 -9.61 5.07
N ILE A 49 -9.84 -10.24 5.09
CA ILE A 49 -9.54 -11.35 6.03
C ILE A 49 -8.81 -10.75 7.22
N TYR A 50 -9.35 -11.04 8.40
CA TYR A 50 -8.88 -10.63 9.72
C TYR A 50 -7.75 -11.58 10.15
N LEU A 51 -6.47 -11.28 9.83
CA LEU A 51 -5.39 -12.27 10.00
C LEU A 51 -4.63 -11.99 11.29
N ALA A 52 -4.41 -10.72 11.61
CA ALA A 52 -3.42 -10.29 12.63
C ALA A 52 -3.63 -10.98 13.98
N PRO A 53 -4.88 -11.17 14.46
CA PRO A 53 -5.09 -11.86 15.72
C PRO A 53 -4.54 -13.31 15.72
N TYR A 54 -4.61 -13.99 14.57
CA TYR A 54 -4.04 -15.36 14.43
C TYR A 54 -2.49 -15.28 14.40
N MET A 55 -1.94 -14.23 13.83
CA MET A 55 -0.48 -13.95 13.91
C MET A 55 -0.10 -13.76 15.37
N GLN A 56 -0.89 -13.00 16.13
CA GLN A 56 -0.63 -12.75 17.57
C GLN A 56 -0.48 -14.10 18.27
N VAL A 57 -1.49 -14.95 18.12
CA VAL A 57 -1.47 -16.31 18.72
C VAL A 57 -0.16 -17.00 18.32
N ALA A 58 0.22 -16.96 17.06
CA ALA A 58 1.39 -17.70 16.54
C ALA A 58 2.65 -17.26 17.28
N THR A 59 2.72 -16.02 17.76
CA THR A 59 3.90 -15.49 18.49
C THR A 59 4.16 -16.28 19.79
N ALA A 60 3.21 -17.07 20.28
CA ALA A 60 3.47 -18.00 21.38
C ALA A 60 4.62 -18.94 21.02
N LEU A 61 4.85 -19.23 19.73
CA LEU A 61 5.89 -20.19 19.31
C LEU A 61 7.28 -19.56 19.27
N ILE A 62 7.38 -18.25 19.45
CA ILE A 62 8.71 -17.54 19.40
C ILE A 62 9.57 -18.09 20.54
N GLY A 63 10.68 -18.74 20.23
CA GLY A 63 11.61 -19.33 21.23
C GLY A 63 12.08 -20.73 20.87
N LYS A 64 11.38 -21.52 20.01
CA LYS A 64 11.63 -22.99 19.85
C LYS A 64 11.86 -23.45 18.37
N ALA A 65 12.62 -24.55 18.21
CA ALA A 65 12.75 -25.37 16.98
C ALA A 65 12.54 -26.85 17.34
N ASN A 71 12.72 -23.08 12.93
CA ASN A 71 12.10 -21.93 13.65
C ASN A 71 10.57 -21.96 13.45
N MET A 72 9.84 -22.30 14.52
CA MET A 72 8.42 -22.71 14.41
C MET A 72 7.54 -21.49 14.07
N PHE A 73 7.86 -20.31 14.61
CA PHE A 73 7.10 -19.08 14.34
C PHE A 73 7.21 -18.78 12.85
N ARG A 74 8.43 -18.66 12.32
CA ARG A 74 8.67 -18.36 10.89
C ARG A 74 7.95 -19.39 10.04
N HIS A 75 7.98 -20.63 10.49
CA HIS A 75 7.36 -21.74 9.74
C HIS A 75 5.85 -21.50 9.58
N GLN A 76 5.16 -20.96 10.61
CA GLN A 76 3.69 -20.69 10.53
C GLN A 76 3.47 -19.63 9.45
N VAL A 77 4.20 -18.53 9.52
CA VAL A 77 4.01 -17.40 8.60
C VAL A 77 4.38 -17.86 7.18
N ASP A 78 5.42 -18.67 7.02
CA ASP A 78 5.88 -19.14 5.69
C ASP A 78 4.80 -20.06 5.09
N THR A 79 4.15 -20.88 5.91
CA THR A 79 3.07 -21.80 5.49
C THR A 79 1.92 -20.97 4.93
N MET A 80 1.52 -19.91 5.62
CA MET A 80 0.46 -18.98 5.15
C MET A 80 0.91 -18.35 3.81
N ALA A 81 2.14 -17.87 3.73
CA ALA A 81 2.71 -17.28 2.51
C ALA A 81 2.61 -18.29 1.37
N ILE A 82 2.89 -19.56 1.62
CA ILE A 82 2.90 -20.56 0.53
C ILE A 82 1.47 -20.70 0.02
N LEU A 83 0.50 -20.73 0.92
CA LEU A 83 -0.93 -20.87 0.55
C LEU A 83 -1.35 -19.68 -0.33
N ILE A 84 -0.97 -18.46 0.03
CA ILE A 84 -1.31 -17.24 -0.73
C ILE A 84 -0.60 -17.32 -2.08
N ASP A 85 0.64 -17.79 -2.10
CA ASP A 85 1.45 -17.95 -3.33
C ASP A 85 0.70 -18.84 -4.33
N TYR A 86 0.05 -19.90 -3.86
CA TYR A 86 -0.67 -20.87 -4.70
C TYR A 86 -2.11 -20.41 -4.94
N GLY A 87 -2.48 -19.21 -4.47
CA GLY A 87 -3.76 -18.56 -4.79
C GLY A 87 -4.90 -19.00 -3.92
N TYR A 88 -4.64 -19.66 -2.80
CA TYR A 88 -5.66 -19.99 -1.77
C TYR A 88 -5.92 -18.73 -0.95
N ILE A 89 -7.07 -18.10 -1.16
CA ILE A 89 -7.51 -16.86 -0.45
C ILE A 89 -8.76 -17.24 0.34
N ASP A 90 -8.65 -18.23 1.20
CA ASP A 90 -9.78 -18.82 1.97
C ASP A 90 -9.57 -18.49 3.45
N SER A 91 -10.50 -17.75 4.01
CA SER A 91 -10.44 -17.21 5.39
C SER A 91 -9.99 -18.30 6.37
N VAL A 92 -10.71 -19.40 6.40
CA VAL A 92 -10.49 -20.44 7.43
C VAL A 92 -9.09 -21.03 7.27
N LEU A 93 -8.70 -21.34 6.04
CA LEU A 93 -7.41 -21.99 5.72
C LEU A 93 -6.24 -21.08 6.07
N LEU A 94 -6.28 -19.81 5.64
CA LEU A 94 -5.16 -18.88 5.93
C LEU A 94 -5.06 -18.71 7.43
N LYS A 95 -6.20 -18.59 8.11
CA LYS A 95 -6.21 -18.38 9.59
C LYS A 95 -5.60 -19.62 10.27
N ALA A 96 -6.06 -20.82 9.89
CA ALA A 96 -5.52 -22.09 10.43
C ALA A 96 -4.02 -22.17 10.16
N SER A 97 -3.58 -21.74 8.99
CA SER A 97 -2.16 -21.90 8.57
C SER A 97 -1.29 -21.13 9.55
N LEU A 98 -1.75 -20.01 10.08
CA LEU A 98 -0.95 -19.15 11.00
C LEU A 98 -0.77 -19.82 12.38
N ILE A 99 -1.60 -20.81 12.73
CA ILE A 99 -1.53 -21.42 14.10
C ILE A 99 -1.59 -22.95 14.01
N HIS A 100 -1.29 -23.55 12.86
CA HIS A 100 -1.53 -24.99 12.65
C HIS A 100 -0.67 -25.85 13.59
N ASP A 101 0.47 -25.35 14.07
CA ASP A 101 1.38 -26.11 14.97
C ASP A 101 1.31 -25.58 16.40
N VAL A 102 0.43 -24.63 16.70
CA VAL A 102 0.33 -24.08 18.09
C VAL A 102 -0.21 -25.16 19.06
N ILE A 103 -1.24 -25.90 18.69
CA ILE A 103 -1.79 -26.98 19.58
C ILE A 103 -0.77 -28.11 19.68
N GLU A 104 -0.09 -28.45 18.59
CA GLU A 104 0.85 -29.60 18.53
C GLU A 104 2.07 -29.33 19.40
N ASN A 105 2.57 -28.10 19.44
CA ASN A 105 3.92 -27.77 19.97
C ASN A 105 3.82 -27.06 21.33
N ILE A 106 2.62 -26.66 21.78
CA ILE A 106 2.48 -26.00 23.10
C ILE A 106 1.58 -26.86 23.98
N GLU A 107 2.20 -27.48 25.00
CA GLU A 107 1.62 -28.51 25.91
C GLU A 107 0.22 -28.09 26.37
N ASP A 108 0.16 -27.02 27.16
CA ASP A 108 -1.04 -26.68 27.98
C ASP A 108 -1.72 -25.48 27.35
N PHE A 109 -1.89 -25.52 26.03
CA PHE A 109 -2.29 -24.31 25.26
C PHE A 109 -3.77 -24.04 25.47
N ASN A 110 -4.09 -22.81 25.90
CA ASN A 110 -5.48 -22.41 26.21
C ASN A 110 -6.20 -22.14 24.87
N VAL A 111 -6.86 -23.18 24.39
CA VAL A 111 -7.64 -23.23 23.12
C VAL A 111 -8.65 -22.07 23.05
N ASN A 112 -9.06 -21.47 24.18
CA ASN A 112 -10.05 -20.35 24.16
C ASN A 112 -9.42 -19.12 23.50
N GLU A 113 -8.10 -19.00 23.50
CA GLU A 113 -7.35 -17.88 22.83
C GLU A 113 -7.62 -17.91 21.32
N ILE A 114 -7.81 -19.10 20.74
CA ILE A 114 -8.25 -19.31 19.34
C ILE A 114 -9.75 -19.07 19.24
N LEU A 115 -10.57 -19.75 20.06
CA LEU A 115 -12.05 -19.82 19.87
C LEU A 115 -12.70 -18.45 20.11
N SER A 116 -12.07 -17.52 20.83
CA SER A 116 -12.64 -16.19 21.16
C SER A 116 -12.39 -15.13 20.07
N ILE A 117 -11.69 -15.45 18.98
CA ILE A 117 -11.21 -14.40 18.02
C ILE A 117 -12.37 -13.91 17.15
N ASP A 118 -13.10 -14.80 16.45
CA ASP A 118 -14.12 -14.36 15.46
C ASP A 118 -15.12 -15.48 15.15
N SER A 119 -16.07 -15.21 14.26
CA SER A 119 -17.18 -16.14 13.96
C SER A 119 -16.65 -17.44 13.34
N GLU A 120 -15.43 -17.42 12.79
CA GLU A 120 -14.85 -18.60 12.08
C GLU A 120 -13.96 -19.43 13.00
N SER A 121 -13.59 -18.91 14.18
CA SER A 121 -12.57 -19.50 15.10
C SER A 121 -12.86 -20.98 15.34
N GLY A 122 -14.13 -21.37 15.32
CA GLY A 122 -14.54 -22.79 15.49
C GLY A 122 -14.13 -23.63 14.31
N GLN A 123 -14.43 -23.19 13.08
CA GLN A 123 -14.02 -23.90 11.83
C GLN A 123 -12.47 -23.93 11.74
N VAL A 124 -11.79 -22.83 12.11
CA VAL A 124 -10.30 -22.75 12.15
C VAL A 124 -9.78 -23.83 13.11
N TYR A 125 -10.28 -23.87 14.34
CA TYR A 125 -9.86 -24.86 15.35
C TYR A 125 -10.04 -26.27 14.76
N GLU A 126 -11.15 -26.56 14.10
CA GLU A 126 -11.44 -27.95 13.62
C GLU A 126 -10.39 -28.32 12.57
N LEU A 127 -10.04 -27.36 11.71
CA LEU A 127 -9.04 -27.56 10.63
C LEU A 127 -7.67 -27.81 11.25
N VAL A 128 -7.26 -26.99 12.21
CA VAL A 128 -5.98 -27.20 12.94
C VAL A 128 -5.96 -28.62 13.52
N LEU A 129 -7.06 -29.07 14.13
CA LEU A 129 -7.13 -30.42 14.74
C LEU A 129 -6.93 -31.49 13.68
N GLU A 130 -7.49 -31.33 12.49
CA GLU A 130 -7.32 -32.35 11.41
C GLU A 130 -5.84 -32.58 11.11
N VAL A 131 -4.98 -31.58 11.31
CA VAL A 131 -3.52 -31.69 10.96
C VAL A 131 -2.67 -31.71 12.22
N THR A 132 -3.28 -31.89 13.39
CA THR A 132 -2.58 -32.08 14.68
C THR A 132 -2.49 -33.60 14.92
N LYS A 133 -1.28 -34.11 15.11
CA LYS A 133 -0.98 -35.52 15.52
C LYS A 133 -1.25 -35.66 17.02
N LYS A 134 -2.10 -36.63 17.41
CA LYS A 134 -2.44 -36.92 18.83
C LYS A 134 -1.18 -37.37 19.58
N LYS A 135 -1.13 -37.11 20.89
CA LYS A 135 0.09 -37.07 21.76
C LYS A 135 0.95 -38.33 21.57
N GLY A 136 0.36 -39.52 21.70
CA GLY A 136 0.97 -40.78 21.24
C GLY A 136 0.22 -41.28 20.01
N GLN A 137 0.81 -41.11 18.81
CA GLN A 137 0.23 -41.63 17.54
C GLN A 137 1.37 -41.90 16.55
N GLU A 138 1.32 -43.05 15.88
CA GLU A 138 2.28 -43.47 14.83
C GLU A 138 2.28 -42.38 13.73
N LYS A 139 3.41 -41.70 13.50
CA LYS A 139 3.49 -40.66 12.44
C LYS A 139 2.95 -41.22 11.12
N THR A 140 3.38 -42.41 10.72
CA THR A 140 2.88 -43.16 9.53
C THR A 140 1.35 -43.12 9.46
N GLU A 141 0.66 -43.42 10.57
CA GLU A 141 -0.79 -43.69 10.57
C GLU A 141 -1.53 -42.35 10.54
N TYR A 142 -0.92 -41.29 11.11
CA TYR A 142 -1.43 -39.90 11.10
C TYR A 142 -1.46 -39.37 9.67
N LEU A 143 -0.34 -39.52 8.94
CA LEU A 143 -0.22 -39.12 7.52
C LEU A 143 -1.18 -39.94 6.66
N LYS A 144 -1.21 -41.27 6.83
CA LYS A 144 -2.18 -42.17 6.15
C LYS A 144 -3.60 -41.67 6.45
N ASN A 145 -3.87 -41.33 7.71
CA ASN A 145 -5.21 -40.89 8.18
C ASN A 145 -5.60 -39.56 7.48
N ILE A 146 -4.68 -38.60 7.36
CA ILE A 146 -4.96 -37.31 6.66
C ILE A 146 -5.40 -37.59 5.22
N ILE A 147 -4.70 -38.48 4.49
CA ILE A 147 -5.07 -38.76 3.06
C ILE A 147 -6.44 -39.45 2.99
N LYS A 148 -6.74 -40.37 3.93
CA LYS A 148 -8.04 -41.12 3.96
C LYS A 148 -9.19 -40.18 4.32
N ASN A 149 -9.14 -39.52 5.47
CA ASN A 149 -10.31 -38.85 6.12
C ASN A 149 -10.19 -37.33 6.17
N GLY A 150 -9.00 -36.76 5.94
CA GLY A 150 -8.81 -35.30 5.97
C GLY A 150 -9.70 -34.61 4.95
N SER A 151 -10.25 -33.44 5.29
CA SER A 151 -10.95 -32.52 4.35
C SER A 151 -9.97 -32.06 3.27
N GLU A 152 -10.48 -31.49 2.19
CA GLU A 152 -9.67 -30.87 1.10
C GLU A 152 -8.74 -29.84 1.78
N LYS A 153 -9.26 -29.01 2.68
CA LYS A 153 -8.49 -27.90 3.30
C LYS A 153 -7.35 -28.47 4.15
N ALA A 154 -7.59 -29.54 4.90
CA ALA A 154 -6.54 -30.17 5.73
C ALA A 154 -5.43 -30.67 4.80
N LYS A 155 -5.79 -31.30 3.68
CA LYS A 155 -4.79 -31.85 2.76
C LYS A 155 -3.94 -30.70 2.19
N ILE A 156 -4.60 -29.64 1.71
CA ILE A 156 -3.90 -28.44 1.16
C ILE A 156 -2.94 -27.90 2.22
N LEU A 157 -3.42 -27.81 3.47
CA LEU A 157 -2.66 -27.22 4.59
C LEU A 157 -1.43 -28.09 4.85
N LYS A 158 -1.61 -29.40 4.81
CA LYS A 158 -0.49 -30.34 5.06
C LYS A 158 0.56 -30.18 3.95
N CYS A 159 0.12 -30.01 2.70
CA CYS A 159 1.06 -29.84 1.55
C CYS A 159 1.88 -28.58 1.77
N ALA A 160 1.24 -27.47 2.11
CA ALA A 160 1.92 -26.18 2.34
C ALA A 160 2.87 -26.31 3.53
N ASP A 161 2.40 -26.90 4.62
CA ASP A 161 3.25 -27.21 5.81
C ASP A 161 4.48 -28.00 5.33
N ARG A 162 4.30 -29.04 4.51
CA ARG A 162 5.42 -29.88 4.05
C ARG A 162 6.38 -29.08 3.15
N ILE A 163 5.86 -28.29 2.23
CA ILE A 163 6.74 -27.46 1.37
C ILE A 163 7.66 -26.64 2.26
N SER A 164 7.11 -26.00 3.28
CA SER A 164 7.84 -25.10 4.17
C SER A 164 8.91 -25.91 4.93
N ASN A 165 8.54 -27.07 5.45
CA ASN A 165 9.51 -27.93 6.19
C ASN A 165 10.59 -28.40 5.21
N MET A 166 10.22 -28.82 3.98
CA MET A 166 11.22 -29.29 2.97
C MET A 166 12.20 -28.16 2.65
N ILE A 167 11.78 -26.91 2.65
CA ILE A 167 12.71 -25.78 2.34
C ILE A 167 13.68 -25.62 3.50
N SER A 168 13.24 -25.87 4.71
CA SER A 168 14.11 -25.69 5.89
C SER A 168 15.17 -26.82 5.99
N LEU A 169 15.03 -27.95 5.28
CA LEU A 169 16.12 -28.98 5.16
C LEU A 169 17.40 -28.38 4.54
N GLY A 170 17.31 -27.28 3.80
CA GLY A 170 18.48 -26.63 3.15
C GLY A 170 19.62 -26.23 4.09
N PHE A 171 19.36 -26.07 5.40
CA PHE A 171 20.39 -25.62 6.40
C PHE A 171 20.82 -26.81 7.27
N VAL A 172 20.13 -27.95 7.15
CA VAL A 172 20.46 -29.23 7.85
C VAL A 172 21.68 -29.86 7.18
N THR A 173 22.37 -30.72 7.94
CA THR A 173 23.54 -31.56 7.49
C THR A 173 23.37 -33.04 7.89
N ASP A 174 22.53 -33.35 8.90
CA ASP A 174 22.37 -34.69 9.55
C ASP A 174 22.38 -35.86 8.57
N SER A 175 21.93 -35.70 7.32
CA SER A 175 22.19 -36.67 6.21
C SER A 175 21.21 -37.82 6.30
N GLU A 176 21.29 -38.60 7.38
CA GLU A 176 20.30 -39.68 7.64
C GLU A 176 18.93 -39.00 7.79
N PHE A 177 18.85 -37.81 8.38
CA PHE A 177 17.54 -37.16 8.67
C PHE A 177 16.93 -36.71 7.34
N ILE A 178 17.75 -36.03 6.53
CA ILE A 178 17.38 -35.54 5.17
C ILE A 178 16.74 -36.70 4.40
N GLU A 179 17.39 -37.87 4.40
CA GLU A 179 16.91 -39.06 3.65
C GLU A 179 15.58 -39.53 4.21
N ARG A 180 15.45 -39.72 5.52
CA ARG A 180 14.18 -40.23 6.12
C ARG A 180 13.05 -39.25 5.76
N TYR A 181 13.32 -37.94 5.89
CA TYR A 181 12.32 -36.86 5.65
C TYR A 181 11.95 -36.88 4.16
N CYS A 182 12.95 -36.96 3.28
CA CYS A 182 12.71 -37.09 1.82
C CYS A 182 11.83 -38.32 1.57
N ASN A 183 12.12 -39.48 2.15
CA ASN A 183 11.37 -40.75 1.85
C ASN A 183 9.94 -40.54 2.34
N GLU A 184 9.78 -40.01 3.56
CA GLU A 184 8.45 -39.76 4.17
C GLU A 184 7.64 -38.83 3.26
N THR A 185 8.28 -37.82 2.68
CA THR A 185 7.59 -36.81 1.85
C THR A 185 7.12 -37.47 0.56
N GLU A 186 8.00 -38.24 -0.10
CA GLU A 186 7.71 -38.99 -1.37
C GLU A 186 6.55 -39.96 -1.11
N LEU A 187 6.62 -40.78 -0.07
CA LEU A 187 5.65 -41.87 0.14
C LEU A 187 4.29 -41.27 0.53
N TYR A 188 4.25 -40.36 1.51
CA TYR A 188 3.00 -39.94 2.19
C TYR A 188 2.47 -38.58 1.74
N ILE A 189 3.29 -37.62 1.29
CA ILE A 189 2.75 -36.26 0.98
C ILE A 189 2.55 -36.10 -0.53
N PHE A 190 3.45 -36.62 -1.36
CA PHE A 190 3.28 -36.58 -2.85
C PHE A 190 1.84 -36.96 -3.23
N PRO A 191 1.28 -38.09 -2.74
CA PRO A 191 -0.07 -38.46 -3.12
C PRO A 191 -1.13 -37.45 -2.67
N ILE A 192 -0.95 -36.84 -1.50
CA ILE A 192 -1.86 -35.77 -1.02
C ILE A 192 -1.81 -34.63 -2.03
N ALA A 193 -0.61 -34.19 -2.40
CA ALA A 193 -0.43 -33.06 -3.35
C ALA A 193 -1.09 -33.42 -4.68
N LEU A 194 -0.93 -34.67 -5.16
CA LEU A 194 -1.54 -35.13 -6.44
C LEU A 194 -3.07 -35.01 -6.36
N GLU A 195 -3.72 -35.27 -5.22
CA GLU A 195 -5.19 -35.08 -5.09
C GLU A 195 -5.57 -33.60 -5.21
N VAL A 196 -4.89 -32.71 -4.49
CA VAL A 196 -5.41 -31.33 -4.25
C VAL A 196 -4.72 -30.32 -5.17
N ASN A 197 -3.45 -30.46 -5.52
CA ASN A 197 -2.78 -29.36 -6.28
C ASN A 197 -1.49 -29.85 -6.95
N PHE A 198 -1.53 -29.96 -8.27
CA PHE A 198 -0.43 -30.52 -9.09
C PHE A 198 0.80 -29.63 -8.96
N GLU A 199 0.64 -28.31 -8.94
CA GLU A 199 1.78 -27.38 -8.78
C GLU A 199 2.46 -27.62 -7.43
N MET A 200 1.72 -27.92 -6.39
CA MET A 200 2.33 -28.17 -5.06
C MET A 200 3.11 -29.49 -5.17
N TYR A 201 2.57 -30.45 -5.93
CA TYR A 201 3.28 -31.74 -6.18
C TYR A 201 4.61 -31.44 -6.86
N LYS A 202 4.61 -30.61 -7.89
CA LYS A 202 5.86 -30.28 -8.62
C LYS A 202 6.88 -29.65 -7.65
N GLU A 203 6.46 -28.75 -6.75
CA GLU A 203 7.43 -28.08 -5.84
C GLU A 203 7.97 -29.13 -4.86
N LEU A 204 7.10 -29.97 -4.31
CA LEU A 204 7.54 -31.01 -3.35
C LEU A 204 8.54 -31.95 -4.06
N MET A 205 8.24 -32.29 -5.32
CA MET A 205 9.09 -33.13 -6.17
C MET A 205 10.47 -32.48 -6.29
N ALA A 206 10.52 -31.23 -6.76
CA ALA A 206 11.80 -30.53 -7.04
C ALA A 206 12.62 -30.41 -5.72
N LEU A 207 11.95 -30.21 -4.58
CA LEU A 207 12.66 -30.05 -3.28
C LEU A 207 13.28 -31.41 -2.88
N VAL A 208 12.52 -32.49 -3.00
CA VAL A 208 13.02 -33.85 -2.68
C VAL A 208 14.21 -34.19 -3.60
N VAL A 209 14.07 -33.95 -4.89
CA VAL A 209 15.16 -34.23 -5.88
C VAL A 209 16.39 -33.42 -5.46
N SER A 210 16.22 -32.16 -5.14
CA SER A 210 17.31 -31.19 -4.82
C SER A 210 18.09 -31.68 -3.59
N ARG A 211 17.36 -32.15 -2.58
CA ARG A 211 17.97 -32.56 -1.30
C ARG A 211 18.67 -33.91 -1.52
N ARG A 212 18.01 -34.86 -2.20
CA ARG A 212 18.60 -36.18 -2.54
C ARG A 212 19.87 -35.94 -3.37
N GLN A 213 19.86 -34.98 -4.30
CA GLN A 213 21.06 -34.65 -5.13
C GLN A 213 22.21 -34.19 -4.21
N TYR A 214 21.89 -33.40 -3.19
CA TYR A 214 22.89 -32.91 -2.21
C TYR A 214 23.51 -34.13 -1.50
N LEU A 215 22.70 -35.06 -1.01
CA LEU A 215 23.19 -36.28 -0.30
C LEU A 215 24.19 -37.03 -1.17
N VAL A 216 23.89 -37.13 -2.46
CA VAL A 216 24.64 -37.95 -3.45
C VAL A 216 25.95 -37.23 -3.77
N GLU A 217 25.94 -35.91 -3.94
CA GLU A 217 27.14 -35.12 -4.26
C GLU A 217 27.92 -34.73 -2.99
N CYS A 218 27.45 -35.00 -1.73
CA CYS A 218 28.34 -35.00 -0.52
C CYS A 218 27.70 -35.73 0.69
N GLY A 219 28.25 -36.87 1.13
CA GLY A 219 27.85 -37.60 2.36
C GLY A 219 26.38 -37.97 2.35
N GLY B 44 -40.56 -10.72 7.98
CA GLY B 44 -39.92 -10.88 9.32
C GLY B 44 -38.42 -11.16 9.23
N VAL B 45 -37.70 -10.62 8.22
CA VAL B 45 -36.25 -10.86 8.05
C VAL B 45 -35.49 -9.87 8.95
N LEU B 46 -36.08 -8.70 9.21
CA LEU B 46 -35.33 -7.57 9.84
C LEU B 46 -34.94 -7.95 11.27
N LYS B 47 -35.87 -8.57 12.03
CA LYS B 47 -35.65 -9.01 13.44
C LYS B 47 -34.35 -9.81 13.57
N GLY B 48 -33.97 -10.60 12.56
CA GLY B 48 -32.83 -11.52 12.62
C GLY B 48 -31.50 -10.91 12.20
N ILE B 49 -31.45 -9.62 11.91
CA ILE B 49 -30.19 -8.94 11.49
C ILE B 49 -29.57 -8.32 12.74
N TYR B 50 -28.31 -8.62 13.00
CA TYR B 50 -27.62 -8.23 14.25
C TYR B 50 -26.91 -6.91 13.94
N LEU B 51 -27.54 -5.77 14.26
CA LEU B 51 -27.10 -4.44 13.78
C LEU B 51 -26.25 -3.74 14.84
N ALA B 52 -26.54 -4.00 16.12
CA ALA B 52 -25.98 -3.24 17.25
C ALA B 52 -24.45 -3.15 17.20
N PRO B 53 -23.70 -4.20 16.83
CA PRO B 53 -22.24 -4.11 16.81
C PRO B 53 -21.75 -3.05 15.82
N TYR B 54 -22.46 -2.87 14.72
CA TYR B 54 -22.12 -1.82 13.70
C TYR B 54 -22.52 -0.45 14.27
N MET B 55 -23.61 -0.37 15.03
CA MET B 55 -23.94 0.87 15.80
C MET B 55 -22.79 1.22 16.74
N GLN B 56 -22.27 0.23 17.49
CA GLN B 56 -21.13 0.42 18.42
C GLN B 56 -19.99 1.12 17.67
N VAL B 57 -19.57 0.53 16.57
CA VAL B 57 -18.49 1.10 15.73
C VAL B 57 -18.83 2.55 15.41
N ALA B 58 -20.06 2.81 14.97
CA ALA B 58 -20.48 4.15 14.49
C ALA B 58 -20.30 5.17 15.61
N THR B 59 -20.38 4.77 16.89
CA THR B 59 -20.22 5.69 18.05
C THR B 59 -18.82 6.34 18.06
N ALA B 60 -17.85 5.82 17.32
CA ALA B 60 -16.55 6.51 17.11
C ALA B 60 -16.81 7.91 16.52
N LEU B 61 -17.90 8.15 15.79
CA LEU B 61 -18.13 9.46 15.11
C LEU B 61 -18.71 10.50 16.09
N ILE B 62 -19.12 10.10 17.28
CA ILE B 62 -19.81 11.02 18.23
C ILE B 62 -18.85 12.17 18.58
N GLY B 63 -19.20 13.41 18.20
CA GLY B 63 -18.45 14.67 18.44
C GLY B 63 -18.01 15.39 17.16
N LYS B 64 -18.60 15.11 15.98
CA LYS B 64 -18.09 15.52 14.62
C LYS B 64 -19.22 16.07 13.72
N ALA B 65 -18.91 16.97 12.76
CA ALA B 65 -19.90 17.62 11.85
C ALA B 65 -19.53 17.46 10.36
N GLY B 70 -24.55 17.08 9.02
N GLY B 70 -24.56 17.08 9.02
CA GLY B 70 -24.74 17.82 10.29
CA GLY B 70 -24.74 17.82 10.29
C GLY B 70 -24.04 17.13 11.43
C GLY B 70 -24.04 17.13 11.43
N ASN B 71 -24.77 16.24 12.14
CA ASN B 71 -24.23 15.34 13.20
C ASN B 71 -23.95 13.97 12.57
N MET B 72 -22.68 13.57 12.48
CA MET B 72 -22.22 12.41 11.65
C MET B 72 -22.79 11.10 12.22
N PHE B 73 -22.83 10.94 13.55
CA PHE B 73 -23.34 9.70 14.18
C PHE B 73 -24.83 9.56 13.82
N ARG B 74 -25.64 10.57 14.09
CA ARG B 74 -27.10 10.52 13.80
C ARG B 74 -27.29 10.27 12.31
N HIS B 75 -26.44 10.84 11.48
CA HIS B 75 -26.53 10.69 10.02
C HIS B 75 -26.37 9.22 9.61
N GLN B 76 -25.52 8.45 10.30
CA GLN B 76 -25.34 7.00 9.98
C GLN B 76 -26.66 6.30 10.31
N VAL B 77 -27.19 6.52 11.51
CA VAL B 77 -28.42 5.80 11.94
C VAL B 77 -29.60 6.27 11.07
N ASP B 78 -29.65 7.53 10.67
CA ASP B 78 -30.76 8.06 9.83
C ASP B 78 -30.68 7.42 8.43
N THR B 79 -29.48 7.21 7.91
CA THR B 79 -29.25 6.58 6.60
C THR B 79 -29.79 5.14 6.65
N MET B 80 -29.50 4.41 7.73
CA MET B 80 -30.04 3.04 7.94
C MET B 80 -31.57 3.11 7.98
N ALA B 81 -32.12 4.04 8.73
CA ALA B 81 -33.58 4.23 8.88
C ALA B 81 -34.18 4.46 7.49
N ILE B 82 -33.52 5.24 6.65
CA ILE B 82 -34.09 5.59 5.32
C ILE B 82 -34.17 4.29 4.51
N LEU B 83 -33.12 3.48 4.57
CA LEU B 83 -33.06 2.23 3.79
C LEU B 83 -34.21 1.30 4.23
N ILE B 84 -34.43 1.18 5.55
CA ILE B 84 -35.51 0.32 6.09
C ILE B 84 -36.86 0.91 5.63
N ASP B 85 -36.97 2.23 5.66
CA ASP B 85 -38.21 2.96 5.25
C ASP B 85 -38.58 2.56 3.82
N TYR B 86 -37.60 2.45 2.92
CA TYR B 86 -37.81 2.12 1.50
C TYR B 86 -37.86 0.60 1.29
N GLY B 87 -37.82 -0.19 2.37
CA GLY B 87 -38.03 -1.65 2.34
C GLY B 87 -36.78 -2.44 1.95
N TYR B 88 -35.59 -1.84 1.97
CA TYR B 88 -34.31 -2.56 1.83
C TYR B 88 -33.99 -3.25 3.17
N ILE B 89 -34.23 -4.55 3.26
CA ILE B 89 -33.98 -5.42 4.44
C ILE B 89 -32.87 -6.39 4.02
N ASP B 90 -31.71 -5.85 3.69
CA ASP B 90 -30.52 -6.61 3.22
C ASP B 90 -29.44 -6.43 4.29
N SER B 91 -29.02 -7.53 4.88
CA SER B 91 -28.07 -7.56 6.02
C SER B 91 -26.86 -6.67 5.70
N VAL B 92 -26.20 -6.92 4.59
CA VAL B 92 -24.90 -6.25 4.30
C VAL B 92 -25.12 -4.74 4.16
N LEU B 93 -26.16 -4.34 3.44
CA LEU B 93 -26.47 -2.93 3.14
C LEU B 93 -26.82 -2.19 4.44
N LEU B 94 -27.72 -2.73 5.25
CA LEU B 94 -28.09 -2.07 6.53
C LEU B 94 -26.85 -1.93 7.40
N LYS B 95 -26.02 -2.98 7.46
CA LYS B 95 -24.80 -2.97 8.30
C LYS B 95 -23.83 -1.90 7.79
N ALA B 96 -23.57 -1.88 6.49
CA ALA B 96 -22.68 -0.88 5.87
C ALA B 96 -23.25 0.53 6.14
N SER B 97 -24.58 0.68 6.10
CA SER B 97 -25.21 2.02 6.21
C SER B 97 -24.85 2.61 7.57
N LEU B 98 -24.75 1.78 8.61
CA LEU B 98 -24.42 2.25 9.98
C LEU B 98 -22.97 2.76 10.10
N ILE B 99 -22.07 2.41 9.19
CA ILE B 99 -20.62 2.79 9.32
C ILE B 99 -20.10 3.33 7.99
N HIS B 100 -20.95 3.76 7.07
CA HIS B 100 -20.52 4.09 5.69
C HIS B 100 -19.54 5.29 5.69
N ASP B 101 -19.55 6.16 6.71
CA ASP B 101 -18.66 7.35 6.77
C ASP B 101 -17.55 7.15 7.80
N VAL B 102 -17.46 5.98 8.43
CA VAL B 102 -16.46 5.76 9.52
C VAL B 102 -15.04 5.74 8.93
N ILE B 103 -14.83 5.07 7.81
CA ILE B 103 -13.50 5.03 7.14
C ILE B 103 -13.14 6.43 6.62
N GLU B 104 -14.11 7.14 6.04
CA GLU B 104 -13.89 8.46 5.41
C GLU B 104 -13.52 9.51 6.46
N ASN B 105 -14.12 9.47 7.63
CA ASN B 105 -14.10 10.60 8.60
C ASN B 105 -13.21 10.28 9.80
N ILE B 106 -12.73 9.06 9.94
CA ILE B 106 -11.81 8.72 11.08
C ILE B 106 -10.47 8.29 10.48
N GLU B 107 -9.46 9.17 10.65
CA GLU B 107 -8.12 9.14 10.00
C GLU B 107 -7.51 7.76 10.28
N ASP B 108 -7.43 7.37 11.56
CA ASP B 108 -6.53 6.30 12.04
C ASP B 108 -7.37 5.06 12.35
N PHE B 109 -8.40 4.79 11.55
CA PHE B 109 -9.48 3.86 11.98
C PHE B 109 -9.02 2.41 11.85
N ASN B 110 -9.14 1.65 12.94
CA ASN B 110 -8.74 0.23 13.01
C ASN B 110 -9.84 -0.60 12.31
N VAL B 111 -9.64 -0.86 11.04
CA VAL B 111 -10.50 -1.68 10.15
C VAL B 111 -10.83 -3.05 10.78
N ASN B 112 -10.01 -3.57 11.68
CA ASN B 112 -10.22 -4.91 12.29
C ASN B 112 -11.46 -4.82 13.21
N GLU B 113 -11.81 -3.64 13.72
CA GLU B 113 -13.05 -3.40 14.53
C GLU B 113 -14.31 -3.74 13.73
N ILE B 114 -14.28 -3.53 12.41
CA ILE B 114 -15.34 -3.94 11.46
C ILE B 114 -15.18 -5.43 11.16
N LEU B 115 -13.99 -5.87 10.76
CA LEU B 115 -13.79 -7.24 10.19
C LEU B 115 -14.00 -8.33 11.25
N SER B 116 -13.90 -8.01 12.54
CA SER B 116 -14.07 -8.97 13.66
C SER B 116 -15.54 -9.33 14.00
N ILE B 117 -16.53 -8.60 13.47
CA ILE B 117 -17.92 -8.65 14.01
C ILE B 117 -18.62 -9.93 13.63
N ASP B 118 -18.70 -10.30 12.35
CA ASP B 118 -19.53 -11.46 11.93
C ASP B 118 -19.09 -11.98 10.56
N SER B 119 -19.75 -13.03 10.07
CA SER B 119 -19.40 -13.71 8.79
C SER B 119 -19.54 -12.75 7.60
N GLU B 120 -20.29 -11.65 7.73
CA GLU B 120 -20.56 -10.71 6.59
C GLU B 120 -19.60 -9.51 6.64
N SER B 121 -18.85 -9.33 7.73
CA SER B 121 -18.02 -8.11 7.99
C SER B 121 -17.13 -7.78 6.78
N GLY B 122 -16.71 -8.80 6.03
CA GLY B 122 -15.89 -8.63 4.83
C GLY B 122 -16.68 -7.99 3.69
N GLN B 123 -17.87 -8.49 3.40
CA GLN B 123 -18.80 -7.90 2.39
C GLN B 123 -19.21 -6.48 2.80
N VAL B 124 -19.46 -6.26 4.09
CA VAL B 124 -19.79 -4.90 4.64
C VAL B 124 -18.63 -3.95 4.35
N TYR B 125 -17.40 -4.35 4.70
CA TYR B 125 -16.19 -3.52 4.47
C TYR B 125 -16.11 -3.17 2.97
N GLU B 126 -16.34 -4.13 2.07
CA GLU B 126 -16.18 -3.92 0.60
C GLU B 126 -17.18 -2.83 0.19
N LEU B 127 -18.41 -2.91 0.68
CA LEU B 127 -19.51 -1.96 0.34
C LEU B 127 -19.16 -0.58 0.87
N VAL B 128 -18.70 -0.48 2.10
CA VAL B 128 -18.26 0.82 2.68
C VAL B 128 -17.18 1.42 1.75
N LEU B 129 -16.22 0.62 1.32
CA LEU B 129 -15.12 1.10 0.44
C LEU B 129 -15.69 1.65 -0.87
N GLU B 130 -16.69 1.01 -1.45
CA GLU B 130 -17.29 1.50 -2.72
C GLU B 130 -17.79 2.92 -2.58
N VAL B 131 -18.21 3.34 -1.37
CA VAL B 131 -18.83 4.68 -1.16
C VAL B 131 -17.90 5.54 -0.32
N THR B 132 -16.64 5.12 -0.14
CA THR B 132 -15.58 5.94 0.49
C THR B 132 -14.80 6.63 -0.64
N LYS B 133 -14.71 7.94 -0.60
CA LYS B 133 -13.86 8.78 -1.50
C LYS B 133 -12.41 8.69 -1.00
N LYS B 134 -11.47 8.34 -1.89
CA LYS B 134 -10.02 8.25 -1.58
C LYS B 134 -9.51 9.65 -1.20
N LYS B 135 -8.47 9.72 -0.35
CA LYS B 135 -8.08 10.93 0.45
C LYS B 135 -7.95 12.17 -0.44
N GLY B 136 -7.19 12.09 -1.53
CA GLY B 136 -7.22 13.06 -2.64
C GLY B 136 -7.90 12.42 -3.85
N GLN B 137 -9.14 12.81 -4.11
CA GLN B 137 -9.92 12.37 -5.31
C GLN B 137 -10.95 13.45 -5.61
N GLU B 138 -11.10 13.81 -6.89
CA GLU B 138 -12.09 14.79 -7.39
C GLU B 138 -13.48 14.29 -6.97
N LYS B 139 -14.21 15.04 -6.13
CA LYS B 139 -15.59 14.66 -5.70
C LYS B 139 -16.41 14.29 -6.94
N THR B 140 -16.39 15.15 -7.96
CA THR B 140 -17.05 14.93 -9.29
C THR B 140 -16.79 13.51 -9.79
N GLU B 141 -15.53 13.06 -9.77
CA GLU B 141 -15.10 11.83 -10.49
C GLU B 141 -15.50 10.62 -9.62
N TYR B 142 -15.52 10.79 -8.29
CA TYR B 142 -15.97 9.76 -7.30
C TYR B 142 -17.46 9.45 -7.52
N LEU B 143 -18.29 10.49 -7.61
CA LEU B 143 -19.76 10.37 -7.86
C LEU B 143 -19.97 9.76 -9.25
N LYS B 144 -19.29 10.27 -10.29
CA LYS B 144 -19.34 9.70 -11.67
C LYS B 144 -18.93 8.22 -11.60
N ASN B 145 -17.88 7.91 -10.85
CA ASN B 145 -17.33 6.54 -10.71
C ASN B 145 -18.41 5.62 -10.06
N ILE B 146 -19.10 6.08 -9.00
CA ILE B 146 -20.17 5.28 -8.34
C ILE B 146 -21.25 4.91 -9.37
N ILE B 147 -21.69 5.85 -10.21
CA ILE B 147 -22.79 5.55 -11.20
C ILE B 147 -22.26 4.56 -12.26
N LYS B 148 -21.00 4.70 -12.70
CA LYS B 148 -20.38 3.81 -13.73
C LYS B 148 -20.16 2.40 -13.18
N ASN B 149 -19.41 2.25 -12.09
CA ASN B 149 -18.84 0.95 -11.64
C ASN B 149 -19.42 0.47 -10.31
N GLY B 150 -20.10 1.32 -9.55
CA GLY B 150 -20.67 0.93 -8.25
C GLY B 150 -21.64 -0.23 -8.39
N SER B 151 -21.66 -1.14 -7.42
CA SER B 151 -22.70 -2.20 -7.29
C SER B 151 -24.08 -1.55 -7.09
N GLU B 152 -25.13 -2.34 -7.25
CA GLU B 152 -26.53 -1.93 -6.96
C GLU B 152 -26.55 -1.36 -5.53
N LYS B 153 -25.95 -2.09 -4.59
CA LYS B 153 -25.96 -1.78 -3.14
C LYS B 153 -25.30 -0.42 -2.89
N ALA B 154 -24.16 -0.16 -3.51
CA ALA B 154 -23.44 1.11 -3.35
C ALA B 154 -24.34 2.26 -3.83
N LYS B 155 -24.98 2.08 -4.98
CA LYS B 155 -25.84 3.14 -5.57
C LYS B 155 -27.00 3.44 -4.61
N ILE B 156 -27.70 2.40 -4.16
CA ILE B 156 -28.82 2.52 -3.18
C ILE B 156 -28.31 3.27 -1.94
N LEU B 157 -27.14 2.88 -1.43
CA LEU B 157 -26.58 3.42 -0.18
C LEU B 157 -26.29 4.90 -0.39
N LYS B 158 -25.76 5.25 -1.56
CA LYS B 158 -25.40 6.66 -1.83
C LYS B 158 -26.67 7.49 -1.88
N CYS B 159 -27.74 6.95 -2.48
CA CYS B 159 -29.04 7.67 -2.55
C CYS B 159 -29.56 7.95 -1.12
N ALA B 160 -29.58 6.94 -0.26
CA ALA B 160 -30.05 7.06 1.14
C ALA B 160 -29.16 8.04 1.90
N ASP B 161 -27.85 7.92 1.76
CA ASP B 161 -26.86 8.89 2.31
C ASP B 161 -27.26 10.31 1.87
N ARG B 162 -27.53 10.49 0.57
CA ARG B 162 -27.89 11.83 0.03
C ARG B 162 -29.24 12.33 0.58
N ILE B 163 -30.24 11.49 0.65
CA ILE B 163 -31.53 11.92 1.25
C ILE B 163 -31.28 12.48 2.65
N SER B 164 -30.49 11.77 3.45
CA SER B 164 -30.22 12.14 4.86
C SER B 164 -29.48 13.48 4.87
N ASN B 165 -28.48 13.63 4.01
CA ASN B 165 -27.72 14.91 3.98
C ASN B 165 -28.62 16.02 3.50
N MET B 166 -29.47 15.78 2.49
CA MET B 166 -30.40 16.83 1.98
C MET B 166 -31.36 17.27 3.11
N ILE B 167 -31.79 16.35 3.98
CA ILE B 167 -32.75 16.70 5.07
C ILE B 167 -32.00 17.58 6.07
N SER B 168 -30.72 17.34 6.27
CA SER B 168 -29.95 18.06 7.31
C SER B 168 -29.63 19.49 6.82
N LEU B 169 -29.75 19.83 5.53
CA LEU B 169 -29.65 21.24 5.03
C LEU B 169 -30.71 22.15 5.71
N GLY B 170 -31.81 21.60 6.24
CA GLY B 170 -32.89 22.34 6.92
C GLY B 170 -32.46 23.26 8.07
N PHE B 171 -31.31 23.03 8.74
CA PHE B 171 -30.88 23.91 9.86
C PHE B 171 -29.69 24.80 9.42
N VAL B 172 -29.16 24.55 8.21
CA VAL B 172 -28.01 25.29 7.60
C VAL B 172 -28.47 26.68 7.17
N THR B 173 -27.47 27.57 7.05
CA THR B 173 -27.59 29.03 6.81
C THR B 173 -26.73 29.44 5.60
N ASP B 174 -25.58 28.77 5.35
CA ASP B 174 -24.49 29.27 4.47
C ASP B 174 -24.99 29.72 3.09
N SER B 175 -26.10 29.16 2.57
CA SER B 175 -26.88 29.72 1.42
C SER B 175 -26.18 29.35 0.11
N GLU B 176 -24.95 29.79 -0.08
CA GLU B 176 -24.11 29.37 -1.24
C GLU B 176 -23.92 27.86 -1.11
N PHE B 177 -23.81 27.31 0.12
CA PHE B 177 -23.56 25.86 0.33
C PHE B 177 -24.79 25.08 -0.12
N ILE B 178 -25.97 25.50 0.35
CA ILE B 178 -27.29 24.90 0.02
C ILE B 178 -27.39 24.77 -1.50
N GLU B 179 -27.07 25.85 -2.23
CA GLU B 179 -27.17 25.90 -3.71
C GLU B 179 -26.18 24.89 -4.32
N ARG B 180 -24.90 24.91 -3.92
CA ARG B 180 -23.89 24.01 -4.54
C ARG B 180 -24.31 22.56 -4.29
N TYR B 181 -24.79 22.28 -3.07
CA TYR B 181 -25.17 20.92 -2.63
C TYR B 181 -26.41 20.51 -3.44
N CYS B 182 -27.41 21.39 -3.55
CA CYS B 182 -28.58 21.15 -4.42
C CYS B 182 -28.11 20.82 -5.85
N ASN B 183 -27.19 21.60 -6.43
CA ASN B 183 -26.77 21.40 -7.85
C ASN B 183 -26.09 20.04 -7.96
N GLU B 184 -25.18 19.75 -7.02
CA GLU B 184 -24.44 18.46 -6.98
C GLU B 184 -25.44 17.29 -6.93
N THR B 185 -26.52 17.45 -6.14
CA THR B 185 -27.51 16.37 -5.91
C THR B 185 -28.27 16.14 -7.22
N GLU B 186 -28.73 17.23 -7.85
CA GLU B 186 -29.48 17.20 -9.14
C GLU B 186 -28.61 16.56 -10.23
N LEU B 187 -27.37 17.02 -10.39
CA LEU B 187 -26.52 16.56 -11.51
C LEU B 187 -26.11 15.10 -11.32
N TYR B 188 -25.63 14.73 -10.13
CA TYR B 188 -24.90 13.45 -9.90
C TYR B 188 -25.73 12.40 -9.18
N ILE B 189 -26.71 12.75 -8.35
CA ILE B 189 -27.40 11.70 -7.53
C ILE B 189 -28.75 11.38 -8.16
N PHE B 190 -29.50 12.38 -8.64
CA PHE B 190 -30.78 12.12 -9.35
C PHE B 190 -30.65 10.94 -10.32
N PRO B 191 -29.65 10.91 -11.23
CA PRO B 191 -29.52 9.79 -12.16
C PRO B 191 -29.28 8.45 -11.47
N ILE B 192 -28.52 8.43 -10.37
CA ILE B 192 -28.34 7.18 -9.57
C ILE B 192 -29.70 6.72 -9.08
N ALA B 193 -30.46 7.64 -8.47
CA ALA B 193 -31.79 7.30 -7.91
C ALA B 193 -32.71 6.79 -9.03
N LEU B 194 -32.65 7.40 -10.23
CA LEU B 194 -33.49 6.97 -11.38
C LEU B 194 -33.15 5.53 -11.77
N GLU B 195 -31.87 5.09 -11.70
CA GLU B 195 -31.53 3.67 -11.98
C GLU B 195 -32.13 2.74 -10.92
N VAL B 196 -31.98 3.03 -9.64
CA VAL B 196 -32.18 2.01 -8.57
C VAL B 196 -33.55 2.18 -7.90
N ASN B 197 -34.06 3.39 -7.72
CA ASN B 197 -35.34 3.53 -6.97
C ASN B 197 -36.02 4.87 -7.27
N PHE B 198 -37.14 4.78 -7.98
CA PHE B 198 -37.88 5.97 -8.46
C PHE B 198 -38.43 6.78 -7.25
N GLU B 199 -38.91 6.10 -6.22
CA GLU B 199 -39.44 6.76 -5.01
C GLU B 199 -38.28 7.55 -4.34
N MET B 200 -37.05 7.05 -4.34
CA MET B 200 -35.92 7.78 -3.74
C MET B 200 -35.65 9.01 -4.60
N TYR B 201 -35.82 8.88 -5.91
CA TYR B 201 -35.66 10.02 -6.85
C TYR B 201 -36.70 11.08 -6.48
N LYS B 202 -37.95 10.68 -6.26
CA LYS B 202 -39.01 11.65 -5.92
C LYS B 202 -38.62 12.38 -4.61
N GLU B 203 -38.11 11.69 -3.59
CA GLU B 203 -37.79 12.37 -2.32
C GLU B 203 -36.62 13.33 -2.56
N LEU B 204 -35.60 12.90 -3.28
CA LEU B 204 -34.44 13.77 -3.56
C LEU B 204 -34.91 15.01 -4.32
N MET B 205 -35.83 14.82 -5.27
CA MET B 205 -36.45 15.89 -6.07
C MET B 205 -37.13 16.88 -5.11
N ALA B 206 -38.05 16.40 -4.27
CA ALA B 206 -38.87 17.26 -3.40
C ALA B 206 -37.94 18.02 -2.44
N LEU B 207 -36.85 17.41 -1.97
CA LEU B 207 -35.92 18.07 -1.03
C LEU B 207 -35.17 19.19 -1.74
N VAL B 208 -34.69 18.94 -2.95
CA VAL B 208 -33.97 19.96 -3.75
C VAL B 208 -34.91 21.14 -4.03
N VAL B 209 -36.14 20.87 -4.44
CA VAL B 209 -37.17 21.90 -4.72
C VAL B 209 -37.38 22.72 -3.44
N SER B 210 -37.55 22.03 -2.32
CA SER B 210 -37.90 22.63 -1.00
C SER B 210 -36.78 23.58 -0.55
N ARG B 211 -35.52 23.18 -0.74
CA ARG B 211 -34.36 23.94 -0.25
C ARG B 211 -34.16 25.13 -1.19
N ARG B 212 -34.24 24.92 -2.51
CA ARG B 212 -34.16 26.00 -3.52
C ARG B 212 -35.28 27.01 -3.25
N GLN B 213 -36.47 26.55 -2.88
CA GLN B 213 -37.62 27.45 -2.58
C GLN B 213 -37.29 28.33 -1.38
N TYR B 214 -36.62 27.76 -0.37
CA TYR B 214 -36.19 28.52 0.83
C TYR B 214 -35.22 29.63 0.39
N LEU B 215 -34.20 29.33 -0.42
CA LEU B 215 -33.20 30.32 -0.92
C LEU B 215 -33.93 31.50 -1.56
N VAL B 216 -34.97 31.19 -2.35
CA VAL B 216 -35.69 32.16 -3.22
C VAL B 216 -36.59 33.02 -2.35
N GLU B 217 -37.26 32.44 -1.35
CA GLU B 217 -38.12 33.20 -0.42
C GLU B 217 -37.31 33.84 0.74
N CYS B 218 -36.00 33.57 0.90
CA CYS B 218 -35.14 34.09 2.02
C CYS B 218 -33.67 34.34 1.54
N GLY B 219 -32.68 33.57 2.01
CA GLY B 219 -31.22 33.70 1.70
C GLY B 219 -30.84 34.79 0.68
N GLY C 44 28.56 15.44 -10.17
CA GLY C 44 28.85 13.97 -9.99
C GLY C 44 27.56 13.15 -9.89
N VAL C 45 26.54 13.71 -9.23
CA VAL C 45 25.28 13.01 -8.86
C VAL C 45 24.34 13.03 -10.08
N LEU C 46 24.49 14.02 -10.96
CA LEU C 46 23.57 14.24 -12.11
C LEU C 46 23.56 13.05 -13.06
N LYS C 47 24.73 12.45 -13.35
CA LYS C 47 24.88 11.27 -14.24
C LYS C 47 23.94 10.13 -13.81
N GLY C 48 23.65 9.97 -12.52
CA GLY C 48 22.84 8.83 -12.00
C GLY C 48 21.34 9.12 -11.97
N ILE C 49 20.87 10.27 -12.46
CA ILE C 49 19.41 10.62 -12.38
C ILE C 49 18.76 10.25 -13.70
N TYR C 50 17.74 9.42 -13.67
CA TYR C 50 17.09 8.90 -14.90
C TYR C 50 15.92 9.85 -15.20
N LEU C 51 16.15 10.79 -16.12
CA LEU C 51 15.21 11.92 -16.38
C LEU C 51 14.29 11.60 -17.56
N ALA C 52 14.78 10.83 -18.53
CA ALA C 52 14.11 10.62 -19.82
C ALA C 52 12.65 10.15 -19.66
N PRO C 53 12.32 9.25 -18.72
CA PRO C 53 10.92 8.81 -18.58
C PRO C 53 9.98 9.97 -18.20
N TYR C 54 10.47 10.94 -17.43
CA TYR C 54 9.67 12.16 -17.12
C TYR C 54 9.58 13.07 -18.35
N MET C 55 10.62 13.12 -19.17
CA MET C 55 10.56 13.79 -20.49
C MET C 55 9.48 13.14 -21.33
N GLN C 56 9.42 11.80 -21.36
CA GLN C 56 8.40 11.07 -22.17
C GLN C 56 7.02 11.57 -21.79
N VAL C 57 6.71 11.54 -20.51
CA VAL C 57 5.41 12.05 -20.01
C VAL C 57 5.21 13.48 -20.53
N ALA C 58 6.21 14.33 -20.42
CA ALA C 58 6.11 15.78 -20.76
C ALA C 58 5.70 15.94 -22.22
N THR C 59 6.04 14.98 -23.09
CA THR C 59 5.65 14.86 -24.53
C THR C 59 4.13 15.02 -24.72
N ALA C 60 3.33 14.70 -23.71
CA ALA C 60 1.87 14.96 -23.75
C ALA C 60 1.61 16.44 -24.07
N LEU C 61 2.50 17.37 -23.70
CA LEU C 61 2.22 18.83 -23.88
C LEU C 61 2.55 19.29 -25.31
N ILE C 62 3.19 18.45 -26.12
CA ILE C 62 3.63 18.85 -27.49
C ILE C 62 2.37 19.23 -28.29
N GLY C 63 2.27 20.52 -28.69
CA GLY C 63 1.18 21.12 -29.48
C GLY C 63 0.33 22.16 -28.74
N LYS C 64 0.86 22.81 -27.68
CA LYS C 64 0.08 23.68 -26.74
C LYS C 64 0.78 25.03 -26.48
N ALA C 65 0.01 26.11 -26.26
CA ALA C 65 0.49 27.43 -25.76
C ALA C 65 -0.34 27.85 -24.54
N ASN C 71 5.63 27.82 -25.83
CA ASN C 71 5.70 26.37 -26.14
C ASN C 71 5.83 25.56 -24.84
N MET C 72 4.79 24.84 -24.43
CA MET C 72 4.68 24.28 -23.06
C MET C 72 5.70 23.16 -22.86
N PHE C 73 5.92 22.33 -23.87
CA PHE C 73 6.90 21.22 -23.77
C PHE C 73 8.29 21.82 -23.55
N ARG C 74 8.73 22.72 -24.43
CA ARG C 74 10.08 23.34 -24.32
C ARG C 74 10.21 24.01 -22.96
N HIS C 75 9.13 24.62 -22.50
CA HIS C 75 9.12 25.34 -21.21
C HIS C 75 9.46 24.36 -20.07
N GLN C 76 8.98 23.10 -20.12
CA GLN C 76 9.27 22.10 -19.06
C GLN C 76 10.79 21.83 -19.09
N VAL C 77 11.33 21.52 -20.25
CA VAL C 77 12.76 21.16 -20.37
C VAL C 77 13.62 22.38 -20.00
N ASP C 78 13.19 23.59 -20.37
CA ASP C 78 13.99 24.83 -20.09
C ASP C 78 13.98 25.07 -18.56
N THR C 79 12.86 24.80 -17.89
CA THR C 79 12.74 24.95 -16.42
C THR C 79 13.75 24.00 -15.73
N MET C 80 13.83 22.75 -16.18
CA MET C 80 14.81 21.77 -15.68
C MET C 80 16.22 22.31 -15.92
N ALA C 81 16.51 22.80 -17.12
CA ALA C 81 17.83 23.37 -17.49
C ALA C 81 18.16 24.51 -16.52
N ILE C 82 17.20 25.34 -16.18
CA ILE C 82 17.48 26.51 -15.32
C ILE C 82 17.87 25.97 -13.94
N LEU C 83 17.18 24.95 -13.44
CA LEU C 83 17.46 24.38 -12.11
C LEU C 83 18.88 23.81 -12.09
N ILE C 84 19.27 23.08 -13.14
CA ILE C 84 20.63 22.48 -13.23
C ILE C 84 21.64 23.62 -13.32
N ASP C 85 21.31 24.68 -14.06
CA ASP C 85 22.18 25.86 -14.25
C ASP C 85 22.53 26.45 -12.89
N TYR C 86 21.55 26.52 -11.99
CA TYR C 86 21.71 27.11 -10.63
C TYR C 86 22.24 26.06 -9.64
N GLY C 87 22.60 24.85 -10.10
CA GLY C 87 23.26 23.82 -9.28
C GLY C 87 22.31 22.99 -8.42
N TYR C 88 21.01 23.02 -8.67
CA TYR C 88 20.03 22.10 -8.04
C TYR C 88 20.08 20.74 -8.75
N ILE C 89 20.77 19.76 -8.18
CA ILE C 89 20.95 18.37 -8.69
C ILE C 89 20.20 17.45 -7.74
N ASP C 90 18.91 17.67 -7.60
CA ASP C 90 18.01 16.95 -6.69
C ASP C 90 17.02 16.16 -7.56
N SER C 91 17.05 14.84 -7.44
CA SER C 91 16.29 13.90 -8.30
C SER C 91 14.83 14.36 -8.37
N VAL C 92 14.18 14.53 -7.23
CA VAL C 92 12.72 14.77 -7.21
C VAL C 92 12.41 16.11 -7.89
N LEU C 93 13.18 17.15 -7.60
CA LEU C 93 12.99 18.52 -8.12
C LEU C 93 13.17 18.52 -9.65
N LEU C 94 14.27 17.93 -10.14
CA LEU C 94 14.51 17.92 -11.61
C LEU C 94 13.40 17.14 -12.29
N LYS C 95 13.00 16.01 -11.70
CA LYS C 95 11.93 15.17 -12.29
C LYS C 95 10.61 15.94 -12.30
N ALA C 96 10.24 16.58 -11.20
CA ALA C 96 9.01 17.38 -11.11
C ALA C 96 9.08 18.50 -12.15
N SER C 97 10.25 19.12 -12.33
CA SER C 97 10.42 20.29 -13.22
C SER C 97 10.02 19.87 -14.64
N LEU C 98 10.29 18.64 -15.05
CA LEU C 98 9.96 18.14 -16.41
C LEU C 98 8.44 17.98 -16.63
N ILE C 99 7.62 17.93 -15.59
CA ILE C 99 6.16 17.68 -15.76
C ILE C 99 5.36 18.63 -14.87
N HIS C 100 5.95 19.75 -14.41
CA HIS C 100 5.30 20.60 -13.38
C HIS C 100 3.99 21.20 -13.89
N ASP C 101 3.80 21.35 -15.20
CA ASP C 101 2.56 21.96 -15.77
C ASP C 101 1.65 20.90 -16.38
N VAL C 102 1.98 19.61 -16.30
CA VAL C 102 1.21 18.58 -17.07
C VAL C 102 -0.22 18.42 -16.50
N ILE C 103 -0.37 18.38 -15.18
CA ILE C 103 -1.69 18.32 -14.50
C ILE C 103 -2.48 19.61 -14.80
N GLU C 104 -1.83 20.75 -14.71
CA GLU C 104 -2.45 22.10 -14.84
C GLU C 104 -3.01 22.31 -16.25
N ASN C 105 -2.31 21.83 -17.28
CA ASN C 105 -2.56 22.24 -18.69
C ASN C 105 -3.23 21.11 -19.49
N ILE C 106 -3.36 19.90 -18.94
CA ILE C 106 -4.05 18.80 -19.67
C ILE C 106 -5.32 18.40 -18.91
N GLU C 107 -6.48 18.74 -19.51
CA GLU C 107 -7.84 18.28 -19.13
C GLU C 107 -7.85 16.74 -18.98
N ASP C 108 -8.18 16.27 -17.78
CA ASP C 108 -8.49 14.84 -17.51
C ASP C 108 -7.20 14.05 -17.74
N PHE C 109 -6.09 14.58 -17.25
CA PHE C 109 -4.76 13.93 -17.38
C PHE C 109 -4.72 12.75 -16.39
N ASN C 110 -4.33 11.57 -16.91
CA ASN C 110 -4.25 10.33 -16.10
C ASN C 110 -3.00 10.37 -15.20
N VAL C 111 -3.18 10.87 -14.00
CA VAL C 111 -2.19 10.98 -12.89
C VAL C 111 -1.45 9.66 -12.65
N ASN C 112 -2.00 8.51 -13.04
CA ASN C 112 -1.30 7.21 -12.84
C ASN C 112 -0.07 7.15 -13.74
N GLU C 113 -0.06 7.88 -14.87
CA GLU C 113 1.10 7.96 -15.79
C GLU C 113 2.33 8.52 -15.05
N ILE C 114 2.11 9.44 -14.11
CA ILE C 114 3.16 10.05 -13.25
C ILE C 114 3.54 9.06 -12.14
N LEU C 115 2.53 8.52 -11.44
CA LEU C 115 2.78 7.65 -10.27
C LEU C 115 3.43 6.31 -10.67
N SER C 116 3.36 5.92 -11.95
CA SER C 116 3.90 4.61 -12.41
C SER C 116 5.29 4.74 -13.00
N ILE C 117 6.01 5.83 -12.83
CA ILE C 117 7.29 5.96 -13.60
C ILE C 117 8.44 5.23 -12.88
N ASP C 118 8.69 5.54 -11.61
CA ASP C 118 9.88 5.03 -10.88
C ASP C 118 9.68 5.10 -9.37
N SER C 119 10.71 4.80 -8.57
CA SER C 119 10.58 4.72 -7.09
C SER C 119 10.15 6.07 -6.50
N GLU C 120 10.44 7.18 -7.21
CA GLU C 120 10.32 8.56 -6.67
C GLU C 120 8.99 9.19 -7.10
N SER C 121 8.25 8.51 -7.99
CA SER C 121 7.03 9.03 -8.65
C SER C 121 6.06 9.66 -7.64
N GLY C 122 6.02 9.11 -6.43
CA GLY C 122 5.12 9.61 -5.38
C GLY C 122 5.59 10.96 -4.87
N GLN C 123 6.89 11.10 -4.57
CA GLN C 123 7.50 12.37 -4.10
C GLN C 123 7.36 13.43 -5.21
N VAL C 124 7.60 13.03 -6.46
CA VAL C 124 7.45 13.90 -7.65
C VAL C 124 6.01 14.40 -7.74
N TYR C 125 5.04 13.50 -7.70
CA TYR C 125 3.59 13.84 -7.73
C TYR C 125 3.31 14.91 -6.66
N GLU C 126 3.81 14.74 -5.43
CA GLU C 126 3.43 15.64 -4.32
C GLU C 126 3.96 17.04 -4.67
N LEU C 127 5.19 17.10 -5.21
CA LEU C 127 5.86 18.38 -5.55
C LEU C 127 5.10 19.05 -6.71
N VAL C 128 4.74 18.31 -7.73
CA VAL C 128 3.93 18.84 -8.86
C VAL C 128 2.64 19.44 -8.30
N LEU C 129 1.98 18.76 -7.38
CA LEU C 129 0.70 19.25 -6.78
C LEU C 129 0.94 20.59 -6.06
N GLU C 130 2.04 20.74 -5.33
CA GLU C 130 2.32 22.00 -4.60
C GLU C 130 2.32 23.19 -5.56
N VAL C 131 2.68 22.99 -6.84
CA VAL C 131 2.85 24.09 -7.82
C VAL C 131 1.76 24.01 -8.88
N THR C 132 0.74 23.19 -8.66
CA THR C 132 -0.48 23.12 -9.50
C THR C 132 -1.54 24.01 -8.83
N LYS C 133 -2.06 24.99 -9.54
CA LYS C 133 -3.22 25.85 -9.15
C LYS C 133 -4.49 25.03 -9.37
N LYS C 134 -5.35 24.94 -8.34
CA LYS C 134 -6.67 24.24 -8.41
C LYS C 134 -7.55 24.94 -9.45
N LYS C 135 -8.46 24.19 -10.09
CA LYS C 135 -9.17 24.58 -11.35
C LYS C 135 -9.86 25.94 -11.18
N GLY C 136 -10.62 26.15 -10.11
CA GLY C 136 -11.03 27.48 -9.65
C GLY C 136 -10.26 27.87 -8.39
N GLN C 137 -9.27 28.75 -8.54
CA GLN C 137 -8.47 29.32 -7.41
C GLN C 137 -7.91 30.66 -7.87
N GLU C 138 -8.01 31.67 -7.00
CA GLU C 138 -7.47 33.04 -7.23
C GLU C 138 -5.96 32.90 -7.46
N LYS C 139 -5.45 33.28 -8.65
CA LYS C 139 -3.99 33.19 -8.95
C LYS C 139 -3.22 33.88 -7.82
N THR C 140 -3.63 35.09 -7.42
CA THR C 140 -3.06 35.86 -6.28
C THR C 140 -2.87 34.95 -5.05
N GLU C 141 -3.88 34.18 -4.69
CA GLU C 141 -3.92 33.47 -3.38
C GLU C 141 -3.05 32.20 -3.51
N TYR C 142 -2.95 31.62 -4.71
CA TYR C 142 -2.08 30.46 -5.04
C TYR C 142 -0.61 30.85 -4.86
N LEU C 143 -0.20 31.99 -5.44
CA LEU C 143 1.17 32.54 -5.31
C LEU C 143 1.46 32.90 -3.85
N LYS C 144 0.54 33.61 -3.18
CA LYS C 144 0.65 33.94 -1.73
C LYS C 144 0.80 32.62 -0.96
N ASN C 145 0.00 31.60 -1.31
CA ASN C 145 -0.04 30.28 -0.62
C ASN C 145 1.34 29.61 -0.78
N ILE C 146 1.93 29.61 -1.99
CA ILE C 146 3.27 28.99 -2.24
C ILE C 146 4.30 29.64 -1.30
N ILE C 147 4.33 30.96 -1.16
CA ILE C 147 5.35 31.63 -0.28
C ILE C 147 5.10 31.26 1.20
N LYS C 148 3.84 31.19 1.63
CA LYS C 148 3.47 30.89 3.04
C LYS C 148 3.77 29.43 3.39
N ASN C 149 3.22 28.47 2.64
CA ASN C 149 3.15 27.04 3.03
C ASN C 149 3.97 26.13 2.11
N GLY C 150 4.41 26.61 0.95
CA GLY C 150 5.14 25.77 -0.01
C GLY C 150 6.44 25.27 0.61
N SER C 151 6.85 24.06 0.25
CA SER C 151 8.18 23.50 0.62
C SER C 151 9.28 24.34 -0.04
N GLU C 152 10.52 24.19 0.43
CA GLU C 152 11.72 24.79 -0.21
C GLU C 152 11.70 24.43 -1.70
N LYS C 153 11.46 23.15 -2.03
CA LYS C 153 11.51 22.64 -3.42
C LYS C 153 10.44 23.32 -4.27
N ALA C 154 9.24 23.48 -3.76
CA ALA C 154 8.15 24.11 -4.53
C ALA C 154 8.55 25.56 -4.84
N LYS C 155 9.12 26.27 -3.85
CA LYS C 155 9.53 27.69 -4.02
C LYS C 155 10.59 27.76 -5.12
N ILE C 156 11.63 26.93 -5.00
CA ILE C 156 12.73 26.89 -6.00
C ILE C 156 12.15 26.62 -7.39
N LEU C 157 11.23 25.66 -7.47
CA LEU C 157 10.62 25.23 -8.75
C LEU C 157 9.84 26.39 -9.33
N LYS C 158 9.11 27.11 -8.48
CA LYS C 158 8.28 28.23 -8.97
C LYS C 158 9.19 29.34 -9.52
N CYS C 159 10.32 29.59 -8.87
CA CYS C 159 11.28 30.61 -9.33
C CYS C 159 11.80 30.22 -10.71
N ALA C 160 12.25 28.98 -10.88
CA ALA C 160 12.78 28.48 -12.18
C ALA C 160 11.68 28.55 -13.24
N ASP C 161 10.48 28.09 -12.91
CA ASP C 161 9.28 28.22 -13.79
C ASP C 161 9.12 29.68 -14.21
N ARG C 162 9.20 30.61 -13.26
CA ARG C 162 9.02 32.05 -13.56
C ARG C 162 10.16 32.59 -14.44
N ILE C 163 11.39 32.23 -14.15
CA ILE C 163 12.52 32.67 -15.01
C ILE C 163 12.23 32.26 -16.45
N SER C 164 11.80 31.02 -16.66
CA SER C 164 11.57 30.47 -18.02
C SER C 164 10.44 31.23 -18.67
N ASN C 165 9.35 31.48 -17.94
CA ASN C 165 8.20 32.22 -18.51
C ASN C 165 8.64 33.65 -18.81
N MET C 166 9.43 34.29 -17.92
CA MET C 166 9.88 35.68 -18.16
C MET C 166 10.74 35.73 -19.43
N ILE C 167 11.54 34.70 -19.71
CA ILE C 167 12.42 34.69 -20.92
C ILE C 167 11.53 34.59 -22.15
N SER C 168 10.42 33.87 -22.04
CA SER C 168 9.57 33.60 -23.23
C SER C 168 8.75 34.85 -23.57
N LEU C 169 8.61 35.85 -22.68
CA LEU C 169 8.03 37.19 -23.02
C LEU C 169 8.77 37.88 -24.19
N GLY C 170 10.03 37.53 -24.45
CA GLY C 170 10.85 38.12 -25.54
C GLY C 170 10.25 38.04 -26.94
N PHE C 171 9.35 37.10 -27.23
CA PHE C 171 8.73 36.92 -28.59
C PHE C 171 7.28 37.43 -28.59
N VAL C 172 6.75 37.77 -27.40
CA VAL C 172 5.39 38.33 -27.19
C VAL C 172 5.34 39.78 -27.67
N THR C 173 4.11 40.23 -27.96
CA THR C 173 3.74 41.56 -28.50
C THR C 173 2.67 42.23 -27.60
N ASP C 174 1.80 41.45 -26.95
CA ASP C 174 0.51 41.90 -26.35
C ASP C 174 0.65 43.17 -25.49
N SER C 175 1.80 43.42 -24.86
CA SER C 175 2.17 44.76 -24.29
C SER C 175 1.49 44.92 -22.92
N GLU C 176 0.17 44.91 -22.89
CA GLU C 176 -0.60 44.93 -21.62
C GLU C 176 -0.23 43.65 -20.88
N PHE C 177 -0.01 42.52 -21.59
CA PHE C 177 0.26 41.21 -20.93
C PHE C 177 1.64 41.29 -20.26
N ILE C 178 2.64 41.75 -21.02
CA ILE C 178 4.04 41.93 -20.56
C ILE C 178 4.02 42.72 -19.23
N GLU C 179 3.28 43.81 -19.18
CA GLU C 179 3.19 44.68 -17.99
C GLU C 179 2.57 43.91 -16.82
N ARG C 180 1.40 43.29 -17.01
CA ARG C 180 0.71 42.57 -15.90
C ARG C 180 1.65 41.48 -15.38
N TYR C 181 2.30 40.75 -16.30
CA TYR C 181 3.17 39.60 -15.97
C TYR C 181 4.38 40.13 -15.21
N CYS C 182 5.01 41.20 -15.72
CA CYS C 182 6.13 41.87 -14.98
C CYS C 182 5.65 42.25 -13.57
N ASN C 183 4.48 42.87 -13.41
CA ASN C 183 4.01 43.36 -12.08
C ASN C 183 3.82 42.14 -11.17
N GLU C 184 3.16 41.11 -11.68
CA GLU C 184 2.88 39.85 -10.92
C GLU C 184 4.22 39.25 -10.46
N THR C 185 5.25 39.28 -11.32
CA THR C 185 6.56 38.66 -11.04
C THR C 185 7.22 39.45 -9.91
N GLU C 186 7.25 40.78 -10.02
CA GLU C 186 7.84 41.71 -9.01
C GLU C 186 7.14 41.51 -7.67
N LEU C 187 5.81 41.54 -7.64
CA LEU C 187 5.06 41.52 -6.36
C LEU C 187 5.19 40.15 -5.69
N TYR C 188 4.97 39.06 -6.43
CA TYR C 188 4.75 37.70 -5.86
C TYR C 188 5.96 36.78 -5.99
N ILE C 189 6.84 36.93 -6.98
CA ILE C 189 7.91 35.90 -7.18
C ILE C 189 9.24 36.43 -6.64
N PHE C 190 9.55 37.71 -6.84
CA PHE C 190 10.77 38.34 -6.24
C PHE C 190 10.94 37.91 -4.78
N PRO C 191 9.94 38.05 -3.91
CA PRO C 191 10.09 37.63 -2.51
C PRO C 191 10.39 36.13 -2.34
N ILE C 192 9.78 35.27 -3.16
CA ILE C 192 10.12 33.81 -3.13
C ILE C 192 11.60 33.64 -3.44
N ALA C 193 12.07 34.27 -4.51
CA ALA C 193 13.48 34.15 -4.96
C ALA C 193 14.38 34.67 -3.83
N LEU C 194 14.01 35.77 -3.17
CA LEU C 194 14.82 36.37 -2.06
C LEU C 194 14.94 35.35 -0.94
N GLU C 195 13.91 34.56 -0.60
CA GLU C 195 14.03 33.50 0.44
C GLU C 195 15.04 32.41 0.01
N VAL C 196 14.91 31.88 -1.20
CA VAL C 196 15.57 30.58 -1.56
C VAL C 196 16.85 30.81 -2.36
N ASN C 197 16.94 31.82 -3.24
CA ASN C 197 18.16 31.92 -4.08
C ASN C 197 18.34 33.34 -4.62
N PHE C 198 19.36 34.01 -4.10
CA PHE C 198 19.65 35.44 -4.44
C PHE C 198 19.97 35.58 -5.93
N GLU C 199 20.73 34.65 -6.49
CA GLU C 199 21.09 34.69 -7.92
C GLU C 199 19.83 34.57 -8.78
N MET C 200 18.86 33.78 -8.36
CA MET C 200 17.60 33.66 -9.14
C MET C 200 16.86 34.99 -9.03
N TYR C 201 16.94 35.65 -7.87
CA TYR C 201 16.32 36.98 -7.69
C TYR C 201 16.96 37.95 -8.69
N LYS C 202 18.28 37.94 -8.81
CA LYS C 202 18.98 38.85 -9.75
C LYS C 202 18.49 38.57 -11.17
N GLU C 203 18.31 37.31 -11.59
CA GLU C 203 17.91 37.03 -12.99
C GLU C 203 16.47 37.50 -13.17
N LEU C 204 15.61 37.23 -12.21
CA LEU C 204 14.19 37.67 -12.33
C LEU C 204 14.15 39.19 -12.44
N MET C 205 14.98 39.86 -11.63
CA MET C 205 15.13 41.33 -11.64
C MET C 205 15.52 41.80 -13.04
N ALA C 206 16.62 41.28 -13.58
CA ALA C 206 17.19 41.72 -14.87
C ALA C 206 16.16 41.47 -15.98
N LEU C 207 15.39 40.39 -15.90
CA LEU C 207 14.39 40.08 -16.96
C LEU C 207 13.23 41.07 -16.88
N VAL C 208 12.75 41.37 -15.68
CA VAL C 208 11.64 42.36 -15.49
C VAL C 208 12.10 43.73 -16.00
N VAL C 209 13.30 44.16 -15.63
CA VAL C 209 13.89 45.44 -16.10
C VAL C 209 13.94 45.43 -17.64
N SER C 210 14.42 44.33 -18.24
CA SER C 210 14.67 44.20 -19.69
C SER C 210 13.35 44.33 -20.44
N ARG C 211 12.30 43.70 -19.93
CA ARG C 211 10.99 43.65 -20.62
CA ARG C 211 11.00 43.64 -20.63
C ARG C 211 10.30 45.01 -20.44
N ARG C 212 10.34 45.56 -19.22
CA ARG C 212 9.79 46.91 -18.92
C ARG C 212 10.50 47.94 -19.81
N GLN C 213 11.80 47.78 -20.03
CA GLN C 213 12.58 48.70 -20.91
C GLN C 213 12.06 48.62 -22.33
N TYR C 214 11.70 47.43 -22.79
CA TYR C 214 11.15 47.21 -24.14
C TYR C 214 9.82 47.99 -24.24
N LEU C 215 8.92 47.86 -23.27
CA LEU C 215 7.61 48.56 -23.26
C LEU C 215 7.82 50.07 -23.41
N VAL C 216 8.82 50.59 -22.72
CA VAL C 216 9.11 52.05 -22.59
C VAL C 216 9.73 52.53 -23.91
N GLU C 217 10.62 51.77 -24.54
CA GLU C 217 11.24 52.13 -25.83
C GLU C 217 10.35 51.73 -27.03
N CYS C 218 9.22 51.01 -26.86
CA CYS C 218 8.32 50.55 -27.98
C CYS C 218 6.83 50.50 -27.52
N GLY C 219 6.21 49.32 -27.37
CA GLY C 219 4.76 49.18 -27.08
C GLY C 219 4.36 49.86 -25.77
N GLY D 44 0.11 -6.90 23.12
CA GLY D 44 -0.99 -7.21 22.15
C GLY D 44 -1.23 -6.08 21.15
N VAL D 45 -0.17 -5.39 20.71
CA VAL D 45 -0.25 -4.25 19.75
C VAL D 45 -0.31 -4.83 18.33
N LEU D 46 0.21 -6.03 18.11
CA LEU D 46 0.30 -6.64 16.75
C LEU D 46 -1.11 -6.90 16.19
N LYS D 47 -2.03 -7.37 17.03
CA LYS D 47 -3.47 -7.59 16.72
C LYS D 47 -4.09 -6.37 15.99
N GLY D 48 -3.69 -5.15 16.32
CA GLY D 48 -4.31 -3.93 15.79
C GLY D 48 -3.63 -3.38 14.53
N ILE D 49 -2.68 -4.09 13.95
CA ILE D 49 -1.94 -3.59 12.75
C ILE D 49 -2.62 -4.20 11.52
N TYR D 50 -3.05 -3.37 10.60
CA TYR D 50 -3.84 -3.83 9.43
C TYR D 50 -2.82 -4.04 8.31
N LEU D 51 -2.38 -5.29 8.14
CA LEU D 51 -1.23 -5.67 7.28
C LEU D 51 -1.74 -6.16 5.93
N ALA D 52 -2.93 -6.74 5.88
CA ALA D 52 -3.46 -7.48 4.72
C ALA D 52 -3.37 -6.67 3.43
N PRO D 53 -3.70 -5.35 3.42
CA PRO D 53 -3.62 -4.57 2.18
C PRO D 53 -2.19 -4.54 1.60
N TYR D 54 -1.18 -4.52 2.48
CA TYR D 54 0.24 -4.53 2.06
C TYR D 54 0.60 -5.93 1.55
N MET D 55 0.03 -6.97 2.15
CA MET D 55 0.15 -8.35 1.60
C MET D 55 -0.43 -8.38 0.20
N GLN D 56 -1.63 -7.82 0.00
CA GLN D 56 -2.29 -7.78 -1.32
C GLN D 56 -1.33 -7.20 -2.35
N VAL D 57 -0.80 -6.02 -2.08
CA VAL D 57 0.19 -5.37 -3.00
C VAL D 57 1.31 -6.35 -3.30
N ALA D 58 1.86 -7.01 -2.27
CA ALA D 58 3.02 -7.92 -2.42
C ALA D 58 2.68 -9.05 -3.42
N THR D 59 1.42 -9.45 -3.54
CA THR D 59 0.98 -10.53 -4.48
C THR D 59 1.29 -10.16 -5.95
N ALA D 60 1.54 -8.90 -6.26
CA ALA D 60 2.03 -8.52 -7.60
C ALA D 60 3.33 -9.28 -7.90
N LEU D 61 4.13 -9.69 -6.90
CA LEU D 61 5.45 -10.35 -7.15
C LEU D 61 5.29 -11.83 -7.48
N ILE D 62 4.09 -12.40 -7.31
CA ILE D 62 3.87 -13.87 -7.48
C ILE D 62 4.23 -14.24 -8.93
N GLY D 63 5.26 -15.08 -9.11
CA GLY D 63 5.79 -15.60 -10.39
C GLY D 63 7.22 -15.16 -10.72
N LYS D 64 8.04 -14.71 -9.75
CA LYS D 64 9.35 -14.02 -9.98
C LYS D 64 10.46 -14.56 -9.05
N ALA D 65 11.70 -14.67 -9.54
CA ALA D 65 12.87 -15.23 -8.80
C ALA D 65 14.08 -14.30 -8.92
N ARG D 66 14.73 -13.98 -7.78
CA ARG D 66 16.06 -13.31 -7.68
C ARG D 66 16.95 -14.15 -6.74
N HIS D 67 18.06 -14.68 -7.26
CA HIS D 67 19.10 -15.44 -6.50
C HIS D 67 19.64 -14.54 -5.38
N GLY D 70 15.00 -15.94 -3.39
CA GLY D 70 14.53 -17.04 -4.27
C GLY D 70 13.17 -16.72 -4.90
N ASN D 71 12.09 -17.01 -4.17
CA ASN D 71 10.67 -16.65 -4.48
C ASN D 71 10.35 -15.30 -3.79
N MET D 72 10.13 -14.25 -4.59
CA MET D 72 10.13 -12.84 -4.11
C MET D 72 8.91 -12.60 -3.19
N PHE D 73 7.76 -13.16 -3.51
CA PHE D 73 6.55 -12.99 -2.67
C PHE D 73 6.82 -13.60 -1.29
N ARG D 74 7.21 -14.86 -1.22
CA ARG D 74 7.45 -15.55 0.08
C ARG D 74 8.52 -14.77 0.84
N HIS D 75 9.49 -14.24 0.13
CA HIS D 75 10.59 -13.46 0.75
C HIS D 75 10.05 -12.22 1.47
N GLN D 76 9.01 -11.56 0.94
CA GLN D 76 8.41 -10.37 1.58
C GLN D 76 7.79 -10.83 2.91
N VAL D 77 6.98 -11.88 2.87
CA VAL D 77 6.23 -12.34 4.07
C VAL D 77 7.25 -12.89 5.08
N ASP D 78 8.32 -13.54 4.62
CA ASP D 78 9.33 -14.13 5.53
CA ASP D 78 9.40 -14.12 5.48
C ASP D 78 10.11 -12.98 6.22
N THR D 79 10.36 -11.90 5.51
CA THR D 79 11.05 -10.70 6.06
C THR D 79 10.20 -10.12 7.19
N MET D 80 8.89 -10.00 6.98
CA MET D 80 7.95 -9.53 8.03
C MET D 80 8.02 -10.50 9.22
N ALA D 81 7.96 -11.81 8.97
CA ALA D 81 8.03 -12.85 10.03
C ALA D 81 9.33 -12.68 10.84
N ILE D 82 10.43 -12.39 10.18
CA ILE D 82 11.72 -12.28 10.88
C ILE D 82 11.64 -11.07 11.82
N LEU D 83 11.07 -9.97 11.36
CA LEU D 83 10.98 -8.72 12.17
C LEU D 83 10.12 -9.01 13.40
N ILE D 84 8.99 -9.70 13.24
CA ILE D 84 8.08 -10.02 14.38
C ILE D 84 8.82 -10.97 15.32
N ASP D 85 9.58 -11.91 14.77
CA ASP D 85 10.38 -12.90 15.54
C ASP D 85 11.32 -12.16 16.49
N TYR D 86 11.96 -11.08 16.03
CA TYR D 86 12.95 -10.31 16.82
C TYR D 86 12.23 -9.23 17.66
N GLY D 87 10.90 -9.22 17.68
CA GLY D 87 10.10 -8.35 18.57
C GLY D 87 9.89 -6.93 18.07
N TYR D 88 10.16 -6.67 16.79
CA TYR D 88 9.80 -5.39 16.14
C TYR D 88 8.32 -5.38 15.79
N ILE D 89 7.48 -4.70 16.58
CA ILE D 89 6.00 -4.61 16.39
C ILE D 89 5.69 -3.15 16.06
N ASP D 90 6.26 -2.63 14.99
CA ASP D 90 6.16 -1.22 14.56
C ASP D 90 5.39 -1.20 13.25
N SER D 91 4.23 -0.54 13.25
CA SER D 91 3.26 -0.52 12.14
C SER D 91 4.01 -0.23 10.82
N VAL D 92 4.76 0.85 10.77
CA VAL D 92 5.37 1.31 9.50
C VAL D 92 6.37 0.27 8.99
N LEU D 93 7.22 -0.24 9.89
CA LEU D 93 8.29 -1.21 9.55
C LEU D 93 7.68 -2.52 9.03
N LEU D 94 6.72 -3.08 9.76
CA LEU D 94 6.09 -4.35 9.31
C LEU D 94 5.41 -4.13 7.97
N LYS D 95 4.73 -3.00 7.80
CA LYS D 95 4.01 -2.70 6.52
C LYS D 95 5.02 -2.56 5.39
N ALA D 96 6.09 -1.80 5.60
CA ALA D 96 7.17 -1.65 4.59
C ALA D 96 7.77 -3.02 4.28
N SER D 97 7.94 -3.88 5.28
CA SER D 97 8.63 -5.19 5.10
C SER D 97 7.85 -6.02 4.09
N LEU D 98 6.53 -5.90 4.07
CA LEU D 98 5.68 -6.70 3.14
C LEU D 98 5.83 -6.24 1.69
N ILE D 99 6.34 -5.04 1.43
CA ILE D 99 6.43 -4.52 0.04
C ILE D 99 7.80 -3.91 -0.23
N HIS D 100 8.83 -4.27 0.51
CA HIS D 100 10.14 -3.56 0.44
C HIS D 100 10.79 -3.78 -0.92
N ASP D 101 10.46 -4.85 -1.64
CA ASP D 101 11.07 -5.14 -2.99
C ASP D 101 10.09 -4.86 -4.11
N VAL D 102 8.88 -4.39 -3.81
CA VAL D 102 7.81 -4.25 -4.85
C VAL D 102 8.18 -3.14 -5.84
N ILE D 103 8.66 -1.99 -5.39
CA ILE D 103 9.09 -0.87 -6.28
C ILE D 103 10.31 -1.31 -7.09
N GLU D 104 11.27 -1.98 -6.46
CA GLU D 104 12.53 -2.41 -7.10
C GLU D 104 12.28 -3.42 -8.22
N ASN D 105 11.34 -4.35 -8.04
CA ASN D 105 11.24 -5.58 -8.87
C ASN D 105 10.03 -5.54 -9.80
N ILE D 106 9.19 -4.53 -9.71
CA ILE D 106 8.06 -4.39 -10.68
C ILE D 106 8.26 -3.15 -11.55
N GLU D 107 8.48 -3.40 -12.85
CA GLU D 107 8.43 -2.38 -13.95
C GLU D 107 7.12 -1.60 -13.90
N ASP D 108 7.26 -0.29 -13.79
CA ASP D 108 6.15 0.69 -14.00
C ASP D 108 5.15 0.48 -12.87
N PHE D 109 5.64 0.30 -11.66
CA PHE D 109 4.81 0.04 -10.46
C PHE D 109 4.13 1.35 -10.05
N ASN D 110 2.81 1.28 -9.91
CA ASN D 110 1.95 2.44 -9.57
C ASN D 110 2.06 2.64 -8.06
N VAL D 111 2.93 3.55 -7.69
CA VAL D 111 3.18 3.95 -6.27
C VAL D 111 1.89 4.34 -5.53
N ASN D 112 0.82 4.69 -6.24
CA ASN D 112 -0.47 5.08 -5.59
C ASN D 112 -1.10 3.85 -4.94
N GLU D 113 -0.76 2.64 -5.38
CA GLU D 113 -1.21 1.35 -4.75
C GLU D 113 -0.71 1.26 -3.30
N ILE D 114 0.46 1.82 -3.01
CA ILE D 114 0.98 2.01 -1.63
C ILE D 114 0.28 3.20 -0.97
N LEU D 115 0.33 4.37 -1.59
CA LEU D 115 -0.04 5.66 -0.94
C LEU D 115 -1.54 5.72 -0.59
N SER D 116 -2.40 4.95 -1.25
CA SER D 116 -3.88 5.00 -1.04
C SER D 116 -4.36 4.13 0.13
N ILE D 117 -3.49 3.37 0.80
CA ILE D 117 -3.93 2.30 1.74
C ILE D 117 -4.41 2.91 3.06
N ASP D 118 -3.60 3.71 3.75
CA ASP D 118 -3.97 4.21 5.11
C ASP D 118 -3.17 5.47 5.46
N SER D 119 -3.38 6.02 6.65
CA SER D 119 -2.77 7.30 7.08
C SER D 119 -1.25 7.16 7.18
N GLU D 120 -0.71 5.95 7.26
CA GLU D 120 0.74 5.70 7.43
C GLU D 120 1.45 5.45 6.08
N SER D 121 0.68 5.23 5.01
CA SER D 121 1.17 4.82 3.66
C SER D 121 2.31 5.74 3.20
N GLY D 122 2.30 7.00 3.63
CA GLY D 122 3.37 7.96 3.30
C GLY D 122 4.67 7.60 3.97
N GLN D 123 4.64 7.35 5.28
CA GLN D 123 5.83 6.92 6.07
C GLN D 123 6.32 5.55 5.56
N VAL D 124 5.40 4.63 5.22
CA VAL D 124 5.74 3.31 4.62
C VAL D 124 6.50 3.53 3.31
N TYR D 125 5.95 4.33 2.39
CA TYR D 125 6.62 4.64 1.09
C TYR D 125 8.04 5.19 1.37
N GLU D 126 8.22 6.09 2.33
CA GLU D 126 9.55 6.73 2.56
C GLU D 126 10.53 5.63 2.97
N LEU D 127 10.08 4.71 3.83
CA LEU D 127 10.93 3.61 4.35
C LEU D 127 11.29 2.66 3.21
N VAL D 128 10.33 2.28 2.39
CA VAL D 128 10.60 1.41 1.22
C VAL D 128 11.66 2.09 0.34
N LEU D 129 11.54 3.39 0.07
CA LEU D 129 12.52 4.13 -0.77
C LEU D 129 13.91 4.02 -0.16
N GLU D 130 14.05 4.17 1.16
CA GLU D 130 15.39 4.09 1.81
C GLU D 130 16.10 2.79 1.46
N VAL D 131 15.35 1.69 1.23
CA VAL D 131 15.97 0.35 1.00
C VAL D 131 15.74 -0.08 -0.44
N THR D 132 15.31 0.82 -1.32
CA THR D 132 15.20 0.59 -2.78
C THR D 132 16.49 1.13 -3.41
N LYS D 133 17.23 0.28 -4.14
CA LYS D 133 18.42 0.67 -4.94
C LYS D 133 17.91 1.34 -6.21
N LYS D 134 18.40 2.56 -6.51
CA LYS D 134 18.02 3.36 -7.71
C LYS D 134 18.57 2.59 -8.93
N LYS D 135 17.93 2.69 -10.10
CA LYS D 135 18.40 1.99 -11.33
C LYS D 135 19.84 2.44 -11.62
N GLY D 136 20.73 1.47 -11.87
CA GLY D 136 22.11 1.72 -12.32
C GLY D 136 23.12 2.08 -11.23
N GLN D 137 22.65 2.30 -9.99
CA GLN D 137 23.46 2.71 -8.81
C GLN D 137 24.33 1.54 -8.36
N GLU D 138 25.59 1.84 -8.03
CA GLU D 138 26.60 0.85 -7.55
C GLU D 138 26.03 0.14 -6.30
N LYS D 139 25.81 -1.18 -6.35
CA LYS D 139 25.30 -1.94 -5.16
C LYS D 139 26.14 -1.59 -3.92
N THR D 140 27.47 -1.62 -4.05
CA THR D 140 28.44 -1.21 -2.99
C THR D 140 28.02 0.12 -2.36
N GLU D 141 27.69 1.13 -3.16
CA GLU D 141 27.52 2.52 -2.69
C GLU D 141 26.14 2.63 -2.01
N TYR D 142 25.17 1.83 -2.46
CA TYR D 142 23.79 1.74 -1.90
C TYR D 142 23.87 1.19 -0.48
N LEU D 143 24.58 0.07 -0.31
CA LEU D 143 24.77 -0.57 1.02
C LEU D 143 25.56 0.36 1.93
N LYS D 144 26.67 0.95 1.44
CA LYS D 144 27.46 1.96 2.20
C LYS D 144 26.53 3.10 2.60
N ASN D 145 25.69 3.55 1.66
CA ASN D 145 24.76 4.69 1.86
C ASN D 145 23.76 4.35 2.99
N ILE D 146 23.18 3.14 2.99
CA ILE D 146 22.22 2.71 4.06
C ILE D 146 22.90 2.81 5.43
N ILE D 147 24.15 2.34 5.58
CA ILE D 147 24.84 2.36 6.91
C ILE D 147 25.11 3.82 7.31
N LYS D 148 25.52 4.69 6.36
CA LYS D 148 25.86 6.12 6.64
C LYS D 148 24.59 6.91 7.00
N ASN D 149 23.56 6.91 6.13
CA ASN D 149 22.44 7.88 6.19
C ASN D 149 21.09 7.22 6.49
N GLY D 150 20.97 5.90 6.35
CA GLY D 150 19.69 5.20 6.57
C GLY D 150 19.16 5.43 7.98
N SER D 151 17.83 5.54 8.14
CA SER D 151 17.15 5.57 9.44
C SER D 151 17.38 4.24 10.19
N GLU D 152 17.09 4.22 11.49
CA GLU D 152 17.13 3.01 12.32
C GLU D 152 16.27 1.95 11.63
N LYS D 153 15.06 2.32 11.21
CA LYS D 153 14.07 1.37 10.63
C LYS D 153 14.61 0.78 9.33
N ALA D 154 15.23 1.57 8.48
CA ALA D 154 15.81 1.07 7.21
C ALA D 154 16.88 0.04 7.53
N LYS D 155 17.74 0.33 8.51
CA LYS D 155 18.86 -0.58 8.87
C LYS D 155 18.27 -1.91 9.36
N ILE D 156 17.31 -1.86 10.28
CA ILE D 156 16.63 -3.07 10.80
C ILE D 156 16.03 -3.87 9.64
N LEU D 157 15.37 -3.18 8.72
CA LEU D 157 14.65 -3.78 7.58
C LEU D 157 15.68 -4.47 6.69
N LYS D 158 16.81 -3.82 6.48
CA LYS D 158 17.84 -4.37 5.57
C LYS D 158 18.40 -5.65 6.21
N CYS D 159 18.59 -5.66 7.53
CA CYS D 159 19.12 -6.85 8.24
C CYS D 159 18.13 -8.01 8.08
N ALA D 160 16.85 -7.78 8.32
CA ALA D 160 15.80 -8.82 8.20
C ALA D 160 15.73 -9.32 6.74
N ASP D 161 15.72 -8.40 5.77
CA ASP D 161 15.80 -8.71 4.33
C ASP D 161 17.01 -9.64 4.10
N ARG D 162 18.18 -9.29 4.65
CA ARG D 162 19.41 -10.09 4.41
C ARG D 162 19.30 -11.47 5.07
N ILE D 163 18.79 -11.54 6.29
CA ILE D 163 18.61 -12.87 6.94
C ILE D 163 17.79 -13.77 6.00
N SER D 164 16.69 -13.26 5.48
CA SER D 164 15.75 -14.03 4.63
C SER D 164 16.49 -14.47 3.35
N ASN D 165 17.21 -13.56 2.71
CA ASN D 165 17.97 -13.91 1.49
C ASN D 165 19.07 -14.92 1.82
N MET D 166 19.79 -14.75 2.94
CA MET D 166 20.86 -15.71 3.33
C MET D 166 20.25 -17.10 3.55
N ILE D 167 19.02 -17.20 4.04
CA ILE D 167 18.39 -18.54 4.28
C ILE D 167 18.07 -19.17 2.92
N SER D 168 17.74 -18.35 1.95
CA SER D 168 17.36 -18.85 0.60
C SER D 168 18.59 -19.38 -0.16
N LEU D 169 19.82 -19.02 0.21
CA LEU D 169 21.06 -19.60 -0.39
C LEU D 169 21.12 -21.13 -0.17
N GLY D 170 20.42 -21.67 0.82
CA GLY D 170 20.41 -23.12 1.15
C GLY D 170 20.01 -24.04 0.00
N PHE D 171 19.25 -23.55 -1.00
CA PHE D 171 18.72 -24.35 -2.13
C PHE D 171 19.52 -24.05 -3.41
N VAL D 172 20.39 -23.04 -3.37
CA VAL D 172 21.28 -22.62 -4.51
C VAL D 172 22.44 -23.62 -4.62
N THR D 173 23.03 -23.64 -5.83
CA THR D 173 24.19 -24.49 -6.22
C THR D 173 25.30 -23.65 -6.89
N ASP D 174 24.99 -22.47 -7.47
CA ASP D 174 25.90 -21.65 -8.31
C ASP D 174 27.31 -21.49 -7.70
N SER D 175 27.48 -21.53 -6.38
CA SER D 175 28.82 -21.72 -5.74
C SER D 175 29.58 -20.40 -5.72
N GLU D 176 29.92 -19.88 -6.90
CA GLU D 176 30.53 -18.53 -7.01
C GLU D 176 29.53 -17.53 -6.43
N PHE D 177 28.21 -17.74 -6.62
CA PHE D 177 27.19 -16.76 -6.18
C PHE D 177 27.16 -16.73 -4.64
N ILE D 178 27.07 -17.92 -4.06
CA ILE D 178 27.08 -18.14 -2.58
C ILE D 178 28.25 -17.37 -1.96
N GLU D 179 29.44 -17.50 -2.53
CA GLU D 179 30.68 -16.85 -2.02
C GLU D 179 30.52 -15.34 -2.12
N ARG D 180 30.17 -14.80 -3.28
CA ARG D 180 30.08 -13.32 -3.46
C ARG D 180 29.04 -12.77 -2.46
N TYR D 181 27.90 -13.48 -2.33
CA TYR D 181 26.78 -13.05 -1.46
C TYR D 181 27.26 -13.12 0.01
N CYS D 182 27.93 -14.22 0.39
CA CYS D 182 28.53 -14.33 1.75
C CYS D 182 29.48 -13.15 1.98
N ASN D 183 30.36 -12.83 1.03
CA ASN D 183 31.38 -11.74 1.22
C ASN D 183 30.63 -10.42 1.40
N GLU D 184 29.65 -10.17 0.53
CA GLU D 184 28.85 -8.92 0.53
C GLU D 184 28.16 -8.78 1.90
N THR D 185 27.64 -9.88 2.44
CA THR D 185 26.88 -9.88 3.71
C THR D 185 27.84 -9.54 4.85
N GLU D 186 29.01 -10.21 4.90
CA GLU D 186 30.07 -10.01 5.91
C GLU D 186 30.54 -8.55 5.86
N LEU D 187 30.89 -8.02 4.70
CA LEU D 187 31.53 -6.69 4.61
C LEU D 187 30.52 -5.60 4.94
N TYR D 188 29.31 -5.66 4.35
CA TYR D 188 28.37 -4.51 4.33
C TYR D 188 27.19 -4.69 5.28
N ILE D 189 26.74 -5.90 5.63
CA ILE D 189 25.49 -6.01 6.45
C ILE D 189 25.84 -6.28 7.90
N PHE D 190 26.85 -7.12 8.17
CA PHE D 190 27.34 -7.36 9.57
C PHE D 190 27.43 -6.04 10.34
N PRO D 191 28.11 -4.99 9.82
CA PRO D 191 28.20 -3.73 10.55
C PRO D 191 26.85 -3.07 10.83
N ILE D 192 25.91 -3.18 9.89
CA ILE D 192 24.54 -2.65 10.11
C ILE D 192 23.93 -3.39 11.28
N ALA D 193 24.00 -4.73 11.25
CA ALA D 193 23.39 -5.56 12.33
C ALA D 193 24.05 -5.21 13.68
N LEU D 194 25.38 -4.97 13.70
CA LEU D 194 26.11 -4.60 14.94
C LEU D 194 25.57 -3.27 15.49
N GLU D 195 25.18 -2.30 14.65
CA GLU D 195 24.58 -1.03 15.15
C GLU D 195 23.22 -1.30 15.78
N VAL D 196 22.34 -2.05 15.13
CA VAL D 196 20.88 -2.05 15.47
C VAL D 196 20.52 -3.27 16.30
N ASN D 197 21.10 -4.45 16.06
CA ASN D 197 20.58 -5.65 16.77
C ASN D 197 21.63 -6.78 16.77
N PHE D 198 22.19 -7.02 17.94
CA PHE D 198 23.30 -7.98 18.10
C PHE D 198 22.81 -9.40 17.77
N GLU D 199 21.60 -9.75 18.17
CA GLU D 199 21.02 -11.08 17.85
C GLU D 199 20.89 -11.25 16.32
N MET D 200 20.57 -10.20 15.59
CA MET D 200 20.46 -10.31 14.11
C MET D 200 21.86 -10.53 13.56
N TYR D 201 22.86 -9.90 14.18
CA TYR D 201 24.29 -10.09 13.80
C TYR D 201 24.63 -11.56 13.98
N LYS D 202 24.26 -12.13 15.12
CA LYS D 202 24.59 -13.56 15.40
C LYS D 202 23.96 -14.43 14.31
N GLU D 203 22.71 -14.18 13.90
CA GLU D 203 22.04 -15.06 12.91
C GLU D 203 22.76 -14.90 11.57
N LEU D 204 23.06 -13.67 11.19
CA LEU D 204 23.74 -13.43 9.90
C LEU D 204 25.10 -14.13 9.92
N MET D 205 25.80 -14.07 11.05
CA MET D 205 27.11 -14.73 11.27
CA MET D 205 27.10 -14.74 11.31
C MET D 205 26.94 -16.24 11.03
N ALA D 206 26.01 -16.87 11.74
CA ALA D 206 25.83 -18.34 11.69
C ALA D 206 25.47 -18.76 10.25
N LEU D 207 24.67 -17.97 9.53
CA LEU D 207 24.25 -18.30 8.15
C LEU D 207 25.46 -18.23 7.21
N VAL D 208 26.26 -17.17 7.33
CA VAL D 208 27.47 -17.01 6.49
C VAL D 208 28.44 -18.16 6.74
N VAL D 209 28.69 -18.48 8.00
CA VAL D 209 29.62 -19.58 8.38
C VAL D 209 29.07 -20.89 7.77
N SER D 210 27.78 -21.14 7.90
CA SER D 210 27.10 -22.38 7.46
C SER D 210 27.23 -22.55 5.94
N ARG D 211 27.05 -21.47 5.19
CA ARG D 211 27.07 -21.52 3.71
C ARG D 211 28.52 -21.67 3.26
N ARG D 212 29.46 -20.93 3.86
CA ARG D 212 30.92 -21.06 3.57
C ARG D 212 31.36 -22.50 3.86
N GLN D 213 30.85 -23.10 4.94
CA GLN D 213 31.16 -24.49 5.31
C GLN D 213 30.67 -25.45 4.21
N TYR D 214 29.52 -25.18 3.62
CA TYR D 214 28.94 -25.99 2.52
C TYR D 214 29.89 -25.92 1.32
N LEU D 215 30.35 -24.71 0.94
CA LEU D 215 31.28 -24.54 -0.21
C LEU D 215 32.52 -25.43 -0.02
N VAL D 216 33.02 -25.44 1.21
CA VAL D 216 34.32 -26.07 1.57
C VAL D 216 34.13 -27.59 1.62
N GLU D 217 33.01 -28.10 2.12
CA GLU D 217 32.71 -29.56 2.13
C GLU D 217 32.12 -30.05 0.80
N CYS D 218 31.76 -29.19 -0.18
CA CYS D 218 31.10 -29.56 -1.47
C CYS D 218 31.57 -28.63 -2.62
N GLY D 219 30.71 -27.75 -3.18
CA GLY D 219 31.03 -26.92 -4.36
C GLY D 219 32.25 -26.02 -4.15
MN MN E . 3.80 -27.52 10.66
MN MN F . -22.70 9.84 4.61
CL CL G . 18.12 10.40 -18.48
MN MN H . 5.26 26.35 -16.10
CL CL I . -3.73 -8.40 8.65
MN MN J . 14.45 -8.09 -0.24
#